data_7R95
#
_entry.id   7R95
#
_entity_poly.entity_id   1
_entity_poly.type   'polypeptide(L)'
_entity_poly.pdbx_seq_one_letter_code
;GSWNQKLIANQFNSAIGKIQDSLSSTASALGKLQDVVNQNAQALNTLVKQSGLVPR
;
_entity_poly.pdbx_strand_id   A
#
# COMPACT_ATOMS: atom_id res chain seq x y z
N GLY A 1 22.27 33.41 3.90
CA GLY A 1 21.63 32.39 3.01
C GLY A 1 20.30 32.92 2.49
N SER A 2 19.91 32.49 1.31
CA SER A 2 18.66 32.92 0.71
C SER A 2 17.48 32.46 1.56
N TRP A 3 16.48 33.33 1.71
CA TRP A 3 15.31 33.00 2.50
C TRP A 3 14.56 31.82 1.89
N ASN A 4 14.47 31.79 0.56
CA ASN A 4 13.78 30.71 -0.12
C ASN A 4 14.46 29.38 0.18
N GLN A 5 15.78 29.37 0.13
CA GLN A 5 16.54 28.15 0.41
C GLN A 5 16.27 27.66 1.82
N LYS A 6 16.18 28.61 2.75
CA LYS A 6 15.89 28.27 4.13
C LYS A 6 14.53 27.58 4.21
N LEU A 7 13.57 28.14 3.49
CA LEU A 7 12.21 27.60 3.45
C LEU A 7 12.19 26.21 2.80
N ILE A 8 13.00 26.04 1.76
CA ILE A 8 13.03 24.76 1.04
C ILE A 8 13.44 23.58 1.92
N ALA A 9 14.44 23.77 2.78
CA ALA A 9 14.86 22.67 3.65
C ALA A 9 13.72 22.25 4.59
N ASN A 10 13.03 23.24 5.13
CA ASN A 10 11.87 22.96 5.97
C ASN A 10 10.76 22.34 5.10
N GLN A 11 10.69 22.85 3.90
CA GLN A 11 9.71 22.40 2.92
C GLN A 11 9.90 20.93 2.57
N PHE A 12 11.15 20.50 2.48
CA PHE A 12 11.45 19.13 2.10
C PHE A 12 10.79 18.14 3.05
N ASN A 13 10.79 18.47 4.33
CA ASN A 13 10.17 17.60 5.32
C ASN A 13 8.67 17.47 5.09
N SER A 14 8.02 18.58 4.73
CA SER A 14 6.58 18.56 4.50
C SER A 14 6.22 17.62 3.35
N ALA A 15 6.97 17.71 2.26
CA ALA A 15 6.70 16.87 1.11
C ALA A 15 6.87 15.40 1.48
N ILE A 16 7.95 15.11 2.20
CA ILE A 16 8.24 13.73 2.61
C ILE A 16 7.10 13.20 3.49
N GLY A 17 6.67 14.01 4.44
CA GLY A 17 5.60 13.58 5.34
C GLY A 17 4.31 13.29 4.58
N LYS A 18 3.97 14.15 3.62
CA LYS A 18 2.76 13.94 2.84
C LYS A 18 2.90 12.67 1.98
N ILE A 19 4.08 12.50 1.41
CA ILE A 19 4.33 11.33 0.57
C ILE A 19 4.19 10.04 1.38
N GLN A 20 4.78 10.02 2.57
CA GLN A 20 4.70 8.84 3.42
C GLN A 20 3.24 8.57 3.80
N ASP A 21 2.53 9.62 4.14
CA ASP A 21 1.13 9.47 4.53
C ASP A 21 0.34 8.87 3.35
N SER A 22 0.59 9.41 2.16
CA SER A 22 -0.10 8.93 0.97
C SER A 22 0.20 7.45 0.74
N LEU A 23 1.49 7.12 0.81
CA LEU A 23 1.95 5.74 0.64
C LEU A 23 1.41 4.84 1.74
N SER A 24 1.36 5.40 2.93
CA SER A 24 0.91 4.66 4.12
C SER A 24 -0.52 4.17 3.95
N SER A 25 -1.41 5.03 3.46
CA SER A 25 -2.80 4.61 3.28
C SER A 25 -2.86 3.47 2.27
N THR A 26 -2.16 3.63 1.16
CA THR A 26 -2.17 2.64 0.09
C THR A 26 -1.70 1.28 0.57
N ALA A 27 -0.64 1.23 1.38
CA ALA A 27 -0.13 -0.06 1.82
C ALA A 27 -1.24 -0.84 2.55
N SER A 28 -1.97 -0.16 3.43
CA SER A 28 -3.05 -0.82 4.15
C SER A 28 -4.09 -1.32 3.15
N ALA A 29 -4.38 -0.49 2.17
CA ALA A 29 -5.38 -0.85 1.17
C ALA A 29 -4.94 -2.12 0.43
N LEU A 30 -3.66 -2.19 0.07
CA LEU A 30 -3.12 -3.35 -0.62
C LEU A 30 -3.20 -4.59 0.26
N GLY A 31 -2.92 -4.40 1.55
CA GLY A 31 -2.96 -5.51 2.49
C GLY A 31 -4.36 -6.10 2.57
N LYS A 32 -5.35 -5.24 2.58
CA LYS A 32 -6.74 -5.70 2.63
C LYS A 32 -7.04 -6.52 1.38
N LEU A 33 -6.55 -6.03 0.24
CA LEU A 33 -6.76 -6.69 -1.03
C LEU A 33 -6.14 -8.08 -1.04
N GLN A 34 -4.99 -8.22 -0.40
CA GLN A 34 -4.31 -9.52 -0.32
C GLN A 34 -5.21 -10.53 0.38
N ASP A 35 -5.86 -10.08 1.45
CA ASP A 35 -6.74 -10.97 2.21
C ASP A 35 -7.85 -11.49 1.29
N VAL A 36 -8.42 -10.60 0.49
CA VAL A 36 -9.50 -10.94 -0.43
C VAL A 36 -9.12 -12.06 -1.39
N VAL A 37 -7.85 -12.13 -1.81
CA VAL A 37 -7.36 -13.20 -2.67
C VAL A 37 -7.28 -14.51 -1.89
N ASN A 38 -6.87 -14.35 -0.65
CA ASN A 38 -6.73 -15.53 0.21
C ASN A 38 -8.07 -16.24 0.35
N GLN A 39 -9.12 -15.48 0.59
CA GLN A 39 -10.44 -16.09 0.73
C GLN A 39 -10.82 -16.85 -0.55
N ASN A 40 -10.67 -16.23 -1.71
CA ASN A 40 -11.07 -16.91 -2.95
C ASN A 40 -10.22 -18.17 -3.18
N ALA A 41 -8.92 -18.06 -2.97
CA ALA A 41 -8.02 -19.19 -3.16
C ALA A 41 -8.31 -20.30 -2.14
N GLN A 42 -8.57 -19.88 -0.92
CA GLN A 42 -8.87 -20.80 0.17
C GLN A 42 -10.16 -21.58 -0.09
N ALA A 43 -11.17 -20.89 -0.62
CA ALA A 43 -12.44 -21.55 -0.89
C ALA A 43 -12.27 -22.68 -1.90
N LEU A 44 -11.51 -22.42 -2.96
CA LEU A 44 -11.28 -23.43 -3.99
C LEU A 44 -10.51 -24.62 -3.41
N ASN A 45 -9.50 -24.32 -2.60
CA ASN A 45 -8.70 -25.38 -1.99
C ASN A 45 -9.57 -26.25 -1.09
N THR A 46 -10.42 -25.60 -0.31
CA THR A 46 -11.32 -26.32 0.59
C THR A 46 -12.23 -27.24 -0.21
N LEU A 47 -12.73 -26.73 -1.33
CA LEU A 47 -13.61 -27.54 -2.17
C LEU A 47 -12.84 -28.74 -2.72
N VAL A 48 -11.60 -28.49 -3.13
CA VAL A 48 -10.74 -29.55 -3.67
C VAL A 48 -10.51 -30.66 -2.64
N LYS A 49 -10.29 -30.26 -1.39
CA LYS A 49 -10.05 -31.23 -0.33
C LYS A 49 -11.25 -32.15 -0.16
N GLN A 50 -12.44 -31.57 -0.19
CA GLN A 50 -13.67 -32.35 -0.04
C GLN A 50 -13.80 -33.33 -1.19
N SER A 51 -13.50 -32.86 -2.40
CA SER A 51 -13.58 -33.70 -3.58
C SER A 51 -12.57 -33.24 -4.63
N GLY A 52 -11.43 -33.91 -4.70
CA GLY A 52 -10.40 -33.56 -5.66
C GLY A 52 -9.37 -34.68 -5.79
N LEU A 53 -8.53 -34.59 -6.82
CA LEU A 53 -7.50 -35.60 -7.05
C LEU A 53 -6.53 -35.65 -5.87
N VAL A 54 -6.12 -34.48 -5.40
CA VAL A 54 -5.19 -34.40 -4.27
C VAL A 54 -5.59 -33.26 -3.34
N GLY A 1 23.29 29.17 8.87
CA GLY A 1 24.07 27.96 9.26
C GLY A 1 23.11 26.82 9.58
N SER A 2 23.19 26.32 10.82
CA SER A 2 22.32 25.23 11.23
C SER A 2 20.85 25.64 11.16
N TRP A 3 20.57 26.87 11.57
CA TRP A 3 19.21 27.39 11.54
C TRP A 3 18.67 27.39 10.11
N ASN A 4 19.48 27.90 9.19
CA ASN A 4 19.09 27.97 7.79
C ASN A 4 18.85 26.58 7.23
N GLN A 5 19.71 25.63 7.59
CA GLN A 5 19.58 24.26 7.12
C GLN A 5 18.28 23.63 7.62
N LYS A 6 17.91 23.90 8.86
CA LYS A 6 16.71 23.32 9.44
C LYS A 6 15.47 23.71 8.64
N LEU A 7 15.35 24.99 8.29
CA LEU A 7 14.20 25.46 7.53
C LEU A 7 14.17 24.78 6.16
N ILE A 8 15.34 24.68 5.54
CA ILE A 8 15.43 24.04 4.23
C ILE A 8 14.95 22.59 4.33
N ALA A 9 15.41 21.90 5.38
CA ALA A 9 15.00 20.52 5.60
C ALA A 9 13.50 20.46 5.80
N ASN A 10 12.99 21.42 6.55
CA ASN A 10 11.55 21.47 6.85
C ASN A 10 10.71 21.60 5.58
N GLN A 11 11.19 22.40 4.65
CA GLN A 11 10.44 22.58 3.40
C GLN A 11 10.27 21.21 2.73
N PHE A 12 11.39 20.50 2.64
CA PHE A 12 11.45 19.14 2.09
C PHE A 12 10.74 18.16 3.02
N ASN A 13 10.76 18.45 4.30
CA ASN A 13 10.15 17.59 5.31
C ASN A 13 8.65 17.46 5.07
N SER A 14 8.01 18.57 4.74
CA SER A 14 6.57 18.56 4.51
C SER A 14 6.21 17.63 3.34
N ALA A 15 6.97 17.72 2.25
CA ALA A 15 6.70 16.87 1.11
C ALA A 15 6.87 15.40 1.48
N ILE A 16 7.95 15.11 2.20
CA ILE A 16 8.24 13.73 2.61
C ILE A 16 7.10 13.20 3.48
N GLY A 17 6.67 14.01 4.44
CA GLY A 17 5.60 13.58 5.35
C GLY A 17 4.31 13.29 4.58
N LYS A 18 3.97 14.15 3.62
CA LYS A 18 2.76 13.93 2.83
C LYS A 18 2.90 12.67 1.98
N ILE A 19 4.08 12.50 1.41
CA ILE A 19 4.33 11.33 0.57
C ILE A 19 4.19 10.04 1.38
N GLN A 20 4.78 10.02 2.57
CA GLN A 20 4.70 8.84 3.42
C GLN A 20 3.25 8.57 3.80
N ASP A 21 2.53 9.62 4.15
CA ASP A 21 1.13 9.46 4.52
C ASP A 21 0.33 8.88 3.35
N SER A 22 0.60 9.40 2.17
CA SER A 22 -0.10 8.93 0.97
C SER A 22 0.20 7.45 0.74
N LEU A 23 1.49 7.12 0.81
CA LEU A 23 1.95 5.74 0.64
C LEU A 23 1.41 4.84 1.74
N SER A 24 1.37 5.39 2.94
CA SER A 24 0.92 4.65 4.12
C SER A 24 -0.52 4.17 3.96
N SER A 25 -1.41 5.03 3.46
CA SER A 25 -2.80 4.61 3.28
C SER A 25 -2.87 3.47 2.28
N THR A 26 -2.15 3.63 1.16
CA THR A 26 -2.17 2.64 0.09
C THR A 26 -1.70 1.28 0.57
N ALA A 27 -0.64 1.23 1.38
CA ALA A 27 -0.13 -0.06 1.82
C ALA A 27 -1.23 -0.84 2.55
N SER A 28 -1.97 -0.16 3.43
CA SER A 28 -3.05 -0.83 4.15
C SER A 28 -4.09 -1.32 3.15
N ALA A 29 -4.38 -0.49 2.17
CA ALA A 29 -5.37 -0.85 1.16
C ALA A 29 -4.94 -2.12 0.43
N LEU A 30 -3.66 -2.19 0.07
CA LEU A 30 -3.13 -3.35 -0.63
C LEU A 30 -3.20 -4.59 0.26
N GLY A 31 -2.92 -4.39 1.55
CA GLY A 31 -2.95 -5.50 2.50
C GLY A 31 -4.36 -6.10 2.57
N LYS A 32 -5.37 -5.23 2.58
CA LYS A 32 -6.74 -5.71 2.64
C LYS A 32 -7.05 -6.53 1.38
N LEU A 33 -6.54 -6.03 0.25
CA LEU A 33 -6.75 -6.68 -1.04
C LEU A 33 -6.14 -8.08 -1.04
N GLN A 34 -4.98 -8.22 -0.40
CA GLN A 34 -4.32 -9.52 -0.34
C GLN A 34 -5.21 -10.53 0.38
N ASP A 35 -5.86 -10.08 1.45
CA ASP A 35 -6.74 -10.97 2.21
C ASP A 35 -7.85 -11.49 1.29
N VAL A 36 -8.42 -10.60 0.49
CA VAL A 36 -9.51 -10.94 -0.42
C VAL A 36 -9.11 -12.06 -1.38
N VAL A 37 -7.84 -12.11 -1.79
CA VAL A 37 -7.34 -13.17 -2.65
C VAL A 37 -7.27 -14.48 -1.88
N ASN A 38 -6.88 -14.36 -0.62
CA ASN A 38 -6.74 -15.54 0.23
C ASN A 38 -8.07 -16.28 0.37
N GLN A 39 -9.14 -15.55 0.68
CA GLN A 39 -10.44 -16.20 0.81
C GLN A 39 -10.81 -16.77 -0.57
N ASN A 40 -10.57 -15.91 -1.53
CA ASN A 40 -10.83 -16.15 -2.95
C ASN A 40 -9.94 -17.25 -3.55
N ALA A 41 -8.92 -17.68 -2.83
CA ALA A 41 -7.98 -18.65 -3.38
C ALA A 41 -8.68 -19.87 -3.96
N GLN A 42 -9.69 -20.41 -3.31
CA GLN A 42 -10.41 -21.55 -3.87
C GLN A 42 -11.03 -21.13 -5.20
N ALA A 43 -11.54 -19.91 -5.20
CA ALA A 43 -12.14 -19.32 -6.40
C ALA A 43 -11.11 -19.15 -7.51
N LEU A 44 -9.90 -18.77 -7.11
CA LEU A 44 -8.82 -18.52 -8.07
C LEU A 44 -8.45 -19.80 -8.83
N ASN A 45 -8.35 -20.91 -8.13
CA ASN A 45 -7.99 -22.16 -8.79
C ASN A 45 -9.04 -22.55 -9.82
N THR A 46 -10.31 -22.42 -9.45
CA THR A 46 -11.41 -22.75 -10.36
C THR A 46 -11.35 -21.88 -11.60
N LEU A 47 -11.06 -20.60 -11.40
CA LEU A 47 -10.98 -19.66 -12.52
C LEU A 47 -9.84 -20.03 -13.47
N VAL A 48 -8.72 -20.44 -12.89
CA VAL A 48 -7.56 -20.85 -13.69
C VAL A 48 -7.89 -22.10 -14.49
N LYS A 49 -8.53 -23.06 -13.83
CA LYS A 49 -8.90 -24.31 -14.47
C LYS A 49 -9.85 -24.06 -15.63
N GLN A 50 -10.82 -23.18 -15.42
CA GLN A 50 -11.79 -22.86 -16.47
C GLN A 50 -11.09 -22.25 -17.68
N SER A 51 -10.14 -21.36 -17.42
CA SER A 51 -9.40 -20.72 -18.50
C SER A 51 -8.60 -21.76 -19.28
N GLY A 52 -7.98 -22.70 -18.57
CA GLY A 52 -7.19 -23.74 -19.20
C GLY A 52 -8.07 -24.93 -19.60
N LEU A 53 -7.45 -25.93 -20.19
CA LEU A 53 -8.17 -27.13 -20.61
C LEU A 53 -8.73 -27.86 -19.39
N VAL A 54 -7.90 -27.95 -18.34
CA VAL A 54 -8.31 -28.63 -17.12
C VAL A 54 -7.35 -28.30 -15.98
N GLY A 1 6.68 37.93 5.97
CA GLY A 1 7.63 37.91 7.11
C GLY A 1 8.22 36.52 7.26
N SER A 2 8.90 36.05 6.22
CA SER A 2 9.51 34.72 6.24
C SER A 2 10.68 34.66 5.27
N TRP A 3 11.53 33.66 5.43
CA TRP A 3 12.69 33.49 4.57
C TRP A 3 12.52 32.26 3.68
N ASN A 4 12.92 32.39 2.42
CA ASN A 4 12.80 31.29 1.47
C ASN A 4 13.63 30.10 1.94
N GLN A 5 14.83 30.37 2.46
CA GLN A 5 15.71 29.31 2.93
C GLN A 5 15.07 28.56 4.08
N LYS A 6 14.41 29.29 4.98
CA LYS A 6 13.72 28.67 6.10
C LYS A 6 12.61 27.76 5.57
N LEU A 7 11.89 28.28 4.59
CA LEU A 7 10.79 27.55 3.97
C LEU A 7 11.28 26.26 3.32
N ILE A 8 12.45 26.33 2.69
CA ILE A 8 13.00 25.16 2.01
C ILE A 8 13.23 24.00 2.97
N ALA A 9 13.80 24.28 4.14
CA ALA A 9 14.07 23.21 5.10
C ALA A 9 12.76 22.54 5.53
N ASN A 10 11.75 23.35 5.80
CA ASN A 10 10.43 22.83 6.16
C ASN A 10 9.81 22.13 4.94
N GLN A 11 10.13 22.69 3.79
CA GLN A 11 9.59 22.15 2.54
C GLN A 11 10.00 20.70 2.32
N PHE A 12 11.26 20.38 2.59
CA PHE A 12 11.72 19.02 2.41
C PHE A 12 10.94 18.07 3.32
N ASN A 13 10.79 18.47 4.57
CA ASN A 13 10.06 17.67 5.55
C ASN A 13 8.58 17.52 5.18
N SER A 14 7.98 18.60 4.72
CA SER A 14 6.56 18.57 4.37
C SER A 14 6.29 17.59 3.24
N ALA A 15 7.15 17.60 2.22
CA ALA A 15 6.97 16.69 1.09
C ALA A 15 7.07 15.24 1.57
N ILE A 16 8.06 14.97 2.41
CA ILE A 16 8.25 13.61 2.91
C ILE A 16 7.03 13.15 3.69
N GLY A 17 6.53 14.00 4.57
CA GLY A 17 5.38 13.64 5.39
C GLY A 17 4.15 13.31 4.53
N LYS A 18 3.89 14.12 3.52
CA LYS A 18 2.73 13.88 2.64
C LYS A 18 2.91 12.58 1.85
N ILE A 19 4.11 12.39 1.32
CA ILE A 19 4.40 11.20 0.54
C ILE A 19 4.21 9.93 1.37
N GLN A 20 4.74 9.94 2.59
CA GLN A 20 4.61 8.77 3.46
C GLN A 20 3.13 8.52 3.79
N ASP A 21 2.42 9.59 4.08
CA ASP A 21 1.00 9.45 4.42
C ASP A 21 0.25 8.83 3.22
N SER A 22 0.58 9.33 2.04
CA SER A 22 -0.09 8.82 0.82
C SER A 22 0.22 7.33 0.63
N LEU A 23 1.49 7.00 0.76
CA LEU A 23 1.96 5.61 0.62
C LEU A 23 1.40 4.72 1.73
N SER A 24 1.36 5.29 2.92
CA SER A 24 0.89 4.57 4.11
C SER A 24 -0.55 4.12 3.95
N SER A 25 -1.42 4.98 3.43
CA SER A 25 -2.81 4.60 3.26
C SER A 25 -2.92 3.46 2.25
N THR A 26 -2.20 3.61 1.14
CA THR A 26 -2.23 2.61 0.08
C THR A 26 -1.79 1.24 0.57
N ALA A 27 -0.74 1.19 1.40
CA ALA A 27 -0.26 -0.10 1.86
C ALA A 27 -1.37 -0.87 2.58
N SER A 28 -2.11 -0.18 3.44
CA SER A 28 -3.20 -0.84 4.16
C SER A 28 -4.24 -1.32 3.15
N ALA A 29 -4.52 -0.48 2.17
CA ALA A 29 -5.51 -0.84 1.15
C ALA A 29 -5.07 -2.10 0.41
N LEU A 30 -3.79 -2.16 0.06
CA LEU A 30 -3.23 -3.31 -0.65
C LEU A 30 -3.29 -4.56 0.24
N GLY A 31 -3.01 -4.37 1.52
CA GLY A 31 -3.03 -5.50 2.46
C GLY A 31 -4.43 -6.09 2.55
N LYS A 32 -5.43 -5.21 2.59
CA LYS A 32 -6.82 -5.67 2.64
C LYS A 32 -7.14 -6.43 1.37
N LEU A 33 -6.71 -5.88 0.24
CA LEU A 33 -6.96 -6.49 -1.06
C LEU A 33 -6.29 -7.86 -1.17
N GLN A 34 -5.09 -7.99 -0.61
CA GLN A 34 -4.38 -9.26 -0.64
C GLN A 34 -5.14 -10.30 0.18
N ASP A 35 -5.63 -9.88 1.34
CA ASP A 35 -6.35 -10.79 2.23
C ASP A 35 -7.60 -11.35 1.55
N VAL A 36 -8.33 -10.50 0.84
CA VAL A 36 -9.56 -10.96 0.20
C VAL A 36 -9.20 -12.08 -0.79
N VAL A 37 -8.21 -11.82 -1.65
CA VAL A 37 -7.77 -12.77 -2.67
C VAL A 37 -7.34 -14.09 -2.02
N ASN A 38 -6.70 -14.01 -0.87
CA ASN A 38 -6.27 -15.25 -0.22
C ASN A 38 -7.50 -16.14 0.09
N GLN A 39 -8.53 -15.55 0.68
CA GLN A 39 -9.74 -16.31 0.99
C GLN A 39 -10.37 -16.77 -0.34
N ASN A 40 -10.36 -15.80 -1.21
CA ASN A 40 -10.90 -15.92 -2.57
C ASN A 40 -10.09 -16.86 -3.46
N ALA A 41 -8.94 -17.29 -2.99
CA ALA A 41 -8.05 -18.11 -3.80
C ALA A 41 -8.79 -19.27 -4.47
N GLN A 42 -9.72 -19.92 -3.79
CA GLN A 42 -10.46 -21.00 -4.41
C GLN A 42 -11.23 -20.44 -5.62
N ALA A 43 -11.80 -19.26 -5.42
CA ALA A 43 -12.53 -18.58 -6.48
C ALA A 43 -11.60 -18.22 -7.64
N LEU A 44 -10.39 -17.80 -7.29
CA LEU A 44 -9.40 -17.40 -8.28
C LEU A 44 -9.04 -18.55 -9.21
N ASN A 45 -8.90 -19.76 -8.66
CA ASN A 45 -8.54 -20.90 -9.48
C ASN A 45 -9.60 -21.15 -10.55
N THR A 46 -10.87 -21.07 -10.15
CA THR A 46 -11.98 -21.29 -11.07
C THR A 46 -11.93 -20.26 -12.18
N LEU A 47 -11.63 -19.01 -11.82
CA LEU A 47 -11.56 -17.92 -12.79
C LEU A 47 -10.45 -18.20 -13.81
N VAL A 48 -9.31 -18.66 -13.32
CA VAL A 48 -8.18 -18.98 -14.19
C VAL A 48 -8.54 -20.11 -15.15
N LYS A 49 -9.19 -21.14 -14.63
CA LYS A 49 -9.58 -22.28 -15.44
C LYS A 49 -10.55 -21.85 -16.55
N GLN A 50 -11.48 -20.97 -16.22
CA GLN A 50 -12.44 -20.49 -17.21
C GLN A 50 -11.72 -19.73 -18.31
N SER A 51 -10.74 -18.92 -17.93
CA SER A 51 -9.97 -18.15 -18.89
C SER A 51 -9.23 -19.06 -19.86
N GLY A 52 -8.68 -20.15 -19.32
CA GLY A 52 -7.94 -21.11 -20.14
C GLY A 52 -7.47 -22.30 -19.29
N LEU A 53 -6.80 -23.24 -19.95
CA LEU A 53 -6.29 -24.43 -19.27
C LEU A 53 -7.44 -25.27 -18.70
N VAL A 54 -7.30 -26.59 -18.79
CA VAL A 54 -8.33 -27.49 -18.29
C VAL A 54 -8.69 -27.14 -16.85
N GLY A 1 16.39 31.34 9.47
CA GLY A 1 17.02 30.25 8.65
C GLY A 1 18.15 29.62 9.44
N SER A 2 19.14 30.44 9.81
CA SER A 2 20.28 29.95 10.58
C SER A 2 21.17 29.04 9.72
N TRP A 3 20.71 27.82 9.47
CA TRP A 3 21.48 26.88 8.66
C TRP A 3 20.72 26.56 7.37
N ASN A 4 21.46 26.48 6.26
CA ASN A 4 20.85 26.18 4.98
C ASN A 4 20.20 24.79 5.00
N GLN A 5 20.89 23.84 5.62
CA GLN A 5 20.38 22.47 5.71
C GLN A 5 19.08 22.45 6.51
N LYS A 6 19.06 23.22 7.60
CA LYS A 6 17.88 23.26 8.45
C LYS A 6 16.67 23.78 7.68
N LEU A 7 16.87 24.86 6.92
CA LEU A 7 15.79 25.45 6.13
C LEU A 7 15.31 24.46 5.07
N ILE A 8 16.27 23.83 4.39
CA ILE A 8 15.95 22.86 3.34
C ILE A 8 15.16 21.68 3.91
N ALA A 9 15.59 21.22 5.08
CA ALA A 9 14.92 20.09 5.73
C ALA A 9 13.47 20.45 6.03
N ASN A 10 13.26 21.67 6.48
CA ASN A 10 11.90 22.10 6.80
C ASN A 10 10.98 22.08 5.56
N GLN A 11 11.51 22.59 4.45
CA GLN A 11 10.71 22.59 3.20
C GLN A 11 10.48 21.15 2.71
N PHE A 12 11.56 20.39 2.74
CA PHE A 12 11.60 18.98 2.33
C PHE A 12 10.81 18.08 3.27
N ASN A 13 10.73 18.47 4.53
CA ASN A 13 10.02 17.66 5.52
C ASN A 13 8.54 17.53 5.16
N SER A 14 7.94 18.62 4.70
CA SER A 14 6.51 18.58 4.35
C SER A 14 6.25 17.59 3.22
N ALA A 15 7.12 17.61 2.20
CA ALA A 15 6.94 16.68 1.08
C ALA A 15 7.04 15.25 1.55
N ILE A 16 8.03 14.98 2.41
CA ILE A 16 8.24 13.64 2.93
C ILE A 16 7.02 13.15 3.70
N GLY A 17 6.50 14.01 4.57
CA GLY A 17 5.35 13.64 5.38
C GLY A 17 4.13 13.30 4.52
N LYS A 18 3.87 14.11 3.50
CA LYS A 18 2.73 13.87 2.61
C LYS A 18 2.89 12.57 1.82
N ILE A 19 4.09 12.36 1.29
CA ILE A 19 4.32 11.16 0.50
C ILE A 19 4.17 9.90 1.35
N GLN A 20 4.70 9.93 2.58
CA GLN A 20 4.58 8.77 3.46
C GLN A 20 3.12 8.52 3.79
N ASP A 21 2.40 9.59 4.07
CA ASP A 21 0.97 9.44 4.40
C ASP A 21 0.23 8.83 3.21
N SER A 22 0.55 9.32 2.02
CA SER A 22 -0.10 8.81 0.81
C SER A 22 0.21 7.32 0.62
N LEU A 23 1.48 6.98 0.75
CA LEU A 23 1.95 5.60 0.61
C LEU A 23 1.40 4.71 1.73
N SER A 24 1.34 5.28 2.93
CA SER A 24 0.88 4.55 4.10
C SER A 24 -0.57 4.10 3.95
N SER A 25 -1.42 4.98 3.42
CA SER A 25 -2.82 4.61 3.25
C SER A 25 -2.92 3.45 2.25
N THR A 26 -2.22 3.58 1.13
CA THR A 26 -2.27 2.57 0.08
C THR A 26 -1.79 1.22 0.57
N ALA A 27 -0.76 1.18 1.42
CA ALA A 27 -0.25 -0.11 1.88
C ALA A 27 -1.37 -0.88 2.59
N SER A 28 -2.11 -0.19 3.45
CA SER A 28 -3.21 -0.85 4.16
C SER A 28 -4.24 -1.35 3.16
N ALA A 29 -4.52 -0.51 2.18
CA ALA A 29 -5.51 -0.86 1.16
C ALA A 29 -5.07 -2.12 0.42
N LEU A 30 -3.78 -2.19 0.07
CA LEU A 30 -3.23 -3.33 -0.62
C LEU A 30 -3.28 -4.58 0.26
N GLY A 31 -2.99 -4.39 1.54
CA GLY A 31 -3.03 -5.50 2.48
C GLY A 31 -4.43 -6.10 2.56
N LYS A 32 -5.42 -5.22 2.60
CA LYS A 32 -6.81 -5.68 2.65
C LYS A 32 -7.15 -6.46 1.38
N LEU A 33 -6.70 -5.91 0.26
CA LEU A 33 -6.94 -6.52 -1.05
C LEU A 33 -6.28 -7.90 -1.14
N GLN A 34 -5.07 -8.02 -0.60
CA GLN A 34 -4.37 -9.30 -0.61
C GLN A 34 -5.12 -10.34 0.21
N ASP A 35 -5.62 -9.90 1.36
CA ASP A 35 -6.35 -10.80 2.26
C ASP A 35 -7.59 -11.37 1.58
N VAL A 36 -8.33 -10.53 0.87
CA VAL A 36 -9.54 -11.02 0.22
C VAL A 36 -9.19 -12.13 -0.75
N VAL A 37 -8.22 -11.87 -1.64
CA VAL A 37 -7.80 -12.84 -2.64
C VAL A 37 -7.34 -14.15 -2.00
N ASN A 38 -6.68 -14.04 -0.86
CA ASN A 38 -6.24 -15.27 -0.20
C ASN A 38 -7.46 -16.14 0.13
N GLN A 39 -8.50 -15.49 0.62
CA GLN A 39 -9.73 -16.21 0.95
C GLN A 39 -10.30 -16.86 -0.32
N ASN A 40 -10.31 -16.13 -1.42
CA ASN A 40 -10.84 -16.71 -2.66
C ASN A 40 -10.04 -17.93 -3.10
N ALA A 41 -8.71 -17.79 -3.07
CA ALA A 41 -7.83 -18.88 -3.46
C ALA A 41 -7.98 -20.06 -2.50
N GLN A 42 -8.09 -19.74 -1.22
CA GLN A 42 -8.25 -20.74 -0.18
C GLN A 42 -9.56 -21.51 -0.35
N ALA A 43 -10.62 -20.78 -0.70
CA ALA A 43 -11.93 -21.39 -0.88
C ALA A 43 -11.89 -22.41 -2.03
N LEU A 44 -11.23 -22.03 -3.12
CA LEU A 44 -11.12 -22.91 -4.28
C LEU A 44 -10.32 -24.18 -3.93
N ASN A 45 -9.26 -23.99 -3.16
CA ASN A 45 -8.41 -25.12 -2.77
C ASN A 45 -9.22 -26.16 -2.00
N THR A 46 -10.04 -25.69 -1.06
CA THR A 46 -10.87 -26.60 -0.27
C THR A 46 -11.84 -27.34 -1.19
N LEU A 47 -12.38 -26.62 -2.17
CA LEU A 47 -13.32 -27.23 -3.11
C LEU A 47 -12.61 -28.32 -3.90
N VAL A 48 -11.39 -28.01 -4.36
CA VAL A 48 -10.59 -28.96 -5.13
C VAL A 48 -10.27 -30.20 -4.31
N LYS A 49 -9.97 -30.02 -3.04
CA LYS A 49 -9.64 -31.14 -2.17
C LYS A 49 -10.83 -32.09 -2.06
N GLN A 50 -12.03 -31.52 -1.90
CA GLN A 50 -13.23 -32.33 -1.80
C GLN A 50 -13.46 -33.12 -3.08
N SER A 51 -13.25 -32.47 -4.21
CA SER A 51 -13.44 -33.12 -5.51
C SER A 51 -12.47 -34.30 -5.66
N GLY A 52 -11.22 -34.08 -5.28
CA GLY A 52 -10.21 -35.13 -5.38
C GLY A 52 -8.95 -34.60 -6.03
N LEU A 53 -8.02 -35.51 -6.34
CA LEU A 53 -6.76 -35.12 -6.97
C LEU A 53 -6.74 -35.57 -8.43
N VAL A 54 -6.56 -34.62 -9.33
CA VAL A 54 -6.52 -34.93 -10.76
C VAL A 54 -5.48 -36.03 -11.04
N GLY A 1 20.95 33.36 4.44
CA GLY A 1 22.18 33.44 5.27
C GLY A 1 22.59 32.04 5.72
N SER A 2 23.29 31.32 4.86
CA SER A 2 23.74 29.97 5.18
C SER A 2 22.54 29.10 5.61
N TRP A 3 22.83 27.99 6.28
CA TRP A 3 21.76 27.10 6.74
C TRP A 3 20.89 26.66 5.57
N ASN A 4 21.52 26.48 4.41
CA ASN A 4 20.79 26.07 3.22
C ASN A 4 20.14 24.70 3.44
N GLN A 5 20.88 23.79 4.06
CA GLN A 5 20.35 22.46 4.33
C GLN A 5 19.14 22.54 5.25
N LYS A 6 19.25 23.38 6.27
CA LYS A 6 18.15 23.54 7.22
C LYS A 6 16.91 24.08 6.52
N LEU A 7 17.10 25.06 5.66
CA LEU A 7 15.98 25.65 4.93
C LEU A 7 15.33 24.60 4.03
N ILE A 8 16.17 23.87 3.30
CA ILE A 8 15.71 22.84 2.38
C ILE A 8 14.98 21.73 3.13
N ALA A 9 15.50 21.34 4.28
CA ALA A 9 14.90 20.29 5.08
C ALA A 9 13.49 20.68 5.54
N ASN A 10 13.35 21.93 5.95
CA ASN A 10 12.04 22.39 6.42
C ASN A 10 10.98 22.29 5.31
N GLN A 11 11.36 22.72 4.13
CA GLN A 11 10.44 22.63 2.98
C GLN A 11 10.25 21.17 2.57
N PHE A 12 11.37 20.46 2.56
CA PHE A 12 11.47 19.06 2.19
C PHE A 12 10.70 18.14 3.13
N ASN A 13 10.64 18.49 4.40
CA ASN A 13 9.96 17.65 5.39
C ASN A 13 8.47 17.53 5.07
N SER A 14 7.85 18.61 4.63
CA SER A 14 6.43 18.58 4.31
C SER A 14 6.14 17.59 3.18
N ALA A 15 6.95 17.63 2.14
CA ALA A 15 6.76 16.72 1.01
C ALA A 15 6.90 15.27 1.47
N ILE A 16 7.94 15.02 2.28
CA ILE A 16 8.18 13.67 2.77
C ILE A 16 7.01 13.19 3.60
N GLY A 17 6.53 14.03 4.50
CA GLY A 17 5.41 13.64 5.37
C GLY A 17 4.16 13.32 4.57
N LYS A 18 3.85 14.15 3.58
CA LYS A 18 2.67 13.91 2.74
C LYS A 18 2.84 12.64 1.92
N ILE A 19 4.03 12.50 1.35
CA ILE A 19 4.32 11.32 0.52
C ILE A 19 4.19 10.04 1.33
N GLN A 20 4.78 10.02 2.52
CA GLN A 20 4.70 8.83 3.36
C GLN A 20 3.25 8.55 3.77
N ASP A 21 2.54 9.60 4.11
CA ASP A 21 1.13 9.44 4.51
C ASP A 21 0.33 8.84 3.35
N SER A 22 0.55 9.39 2.17
CA SER A 22 -0.19 8.91 0.99
C SER A 22 0.15 7.43 0.73
N LEU A 23 1.43 7.13 0.78
CA LEU A 23 1.92 5.77 0.58
C LEU A 23 1.42 4.84 1.67
N SER A 24 1.41 5.38 2.88
CA SER A 24 0.99 4.63 4.07
C SER A 24 -0.46 4.17 3.95
N SER A 25 -1.35 5.04 3.49
CA SER A 25 -2.74 4.65 3.36
C SER A 25 -2.88 3.52 2.34
N THR A 26 -2.23 3.68 1.20
CA THR A 26 -2.32 2.69 0.14
C THR A 26 -1.81 1.32 0.59
N ALA A 27 -0.75 1.29 1.40
CA ALA A 27 -0.22 -0.01 1.82
C ALA A 27 -1.30 -0.79 2.56
N SER A 28 -2.02 -0.14 3.45
CA SER A 28 -3.08 -0.84 4.19
C SER A 28 -4.13 -1.33 3.21
N ALA A 29 -4.44 -0.50 2.23
CA ALA A 29 -5.45 -0.87 1.23
C ALA A 29 -5.00 -2.12 0.47
N LEU A 30 -3.73 -2.17 0.10
CA LEU A 30 -3.19 -3.32 -0.62
C LEU A 30 -3.22 -4.57 0.26
N GLY A 31 -2.92 -4.38 1.55
CA GLY A 31 -2.93 -5.51 2.48
C GLY A 31 -4.32 -6.11 2.58
N LYS A 32 -5.33 -5.26 2.62
CA LYS A 32 -6.70 -5.73 2.69
C LYS A 32 -7.04 -6.51 1.43
N LEU A 33 -6.59 -5.97 0.29
CA LEU A 33 -6.83 -6.60 -1.00
C LEU A 33 -6.19 -7.97 -1.07
N GLN A 34 -5.01 -8.11 -0.47
CA GLN A 34 -4.32 -9.39 -0.47
C GLN A 34 -5.17 -10.45 0.24
N ASP A 35 -5.78 -10.06 1.35
CA ASP A 35 -6.61 -10.99 2.12
C ASP A 35 -7.76 -11.52 1.26
N VAL A 36 -8.39 -10.63 0.50
CA VAL A 36 -9.51 -11.00 -0.35
C VAL A 36 -9.14 -12.10 -1.33
N VAL A 37 -7.88 -12.13 -1.77
CA VAL A 37 -7.37 -13.16 -2.66
C VAL A 37 -7.26 -14.50 -1.93
N ASN A 38 -6.84 -14.39 -0.67
CA ASN A 38 -6.66 -15.59 0.14
C ASN A 38 -7.99 -16.36 0.30
N GLN A 39 -9.04 -15.65 0.66
CA GLN A 39 -10.35 -16.32 0.80
C GLN A 39 -10.75 -16.86 -0.57
N ASN A 40 -10.55 -15.97 -1.53
CA ASN A 40 -10.86 -16.18 -2.94
C ASN A 40 -9.99 -17.25 -3.61
N ALA A 41 -8.94 -17.69 -2.95
CA ALA A 41 -8.02 -18.65 -3.56
C ALA A 41 -8.75 -19.86 -4.13
N GLN A 42 -9.72 -20.42 -3.42
CA GLN A 42 -10.46 -21.57 -3.95
C GLN A 42 -11.19 -21.16 -5.22
N ALA A 43 -11.74 -19.94 -5.17
CA ALA A 43 -12.47 -19.38 -6.30
C ALA A 43 -11.54 -19.19 -7.51
N LEU A 44 -10.33 -18.74 -7.22
CA LEU A 44 -9.34 -18.49 -8.26
C LEU A 44 -8.95 -19.76 -9.00
N ASN A 45 -8.78 -20.86 -8.27
CA ASN A 45 -8.38 -22.12 -8.90
C ASN A 45 -9.43 -22.57 -9.92
N THR A 46 -10.70 -22.55 -9.52
CA THR A 46 -11.78 -22.96 -10.40
C THR A 46 -11.83 -22.06 -11.63
N LEU A 47 -11.57 -20.77 -11.41
CA LEU A 47 -11.57 -19.80 -12.50
C LEU A 47 -10.50 -20.14 -13.53
N VAL A 48 -9.32 -20.52 -13.04
CA VAL A 48 -8.22 -20.88 -13.92
C VAL A 48 -8.55 -22.13 -14.73
N LYS A 49 -9.13 -23.11 -14.05
CA LYS A 49 -9.49 -24.37 -14.71
C LYS A 49 -10.51 -24.12 -15.83
N GLN A 50 -11.48 -23.25 -15.57
CA GLN A 50 -12.50 -22.95 -16.57
C GLN A 50 -11.87 -22.29 -17.81
N SER A 51 -10.93 -21.37 -17.57
CA SER A 51 -10.27 -20.69 -18.68
C SER A 51 -9.45 -21.67 -19.50
N GLY A 52 -8.87 -22.67 -18.83
CA GLY A 52 -8.06 -23.67 -19.50
C GLY A 52 -7.66 -24.78 -18.55
N LEU A 53 -7.01 -25.81 -19.10
CA LEU A 53 -6.56 -26.94 -18.28
C LEU A 53 -5.28 -26.61 -17.53
N VAL A 54 -5.14 -27.14 -16.33
CA VAL A 54 -3.95 -26.89 -15.52
C VAL A 54 -2.70 -27.23 -16.31
N GLY A 1 17.55 38.37 12.05
CA GLY A 1 16.33 38.32 11.18
C GLY A 1 16.58 37.42 9.99
N SER A 2 15.75 36.40 9.83
CA SER A 2 15.89 35.47 8.73
C SER A 2 14.53 34.93 8.29
N TRP A 3 14.36 34.72 7.00
CA TRP A 3 13.11 34.20 6.45
C TRP A 3 13.36 33.44 5.16
N ASN A 4 12.37 32.63 4.77
CA ASN A 4 12.45 31.82 3.55
C ASN A 4 13.37 30.61 3.73
N GLN A 5 14.53 30.81 4.34
CA GLN A 5 15.47 29.73 4.58
C GLN A 5 14.85 28.67 5.49
N LYS A 6 14.11 29.12 6.49
CA LYS A 6 13.43 28.21 7.41
C LYS A 6 12.37 27.41 6.67
N LEU A 7 11.68 28.09 5.76
CA LEU A 7 10.61 27.47 4.98
C LEU A 7 11.16 26.33 4.13
N ILE A 8 12.32 26.54 3.53
CA ILE A 8 12.90 25.50 2.68
C ILE A 8 13.18 24.23 3.48
N ALA A 9 13.74 24.39 4.67
CA ALA A 9 14.04 23.23 5.49
C ALA A 9 12.76 22.46 5.79
N ASN A 10 11.70 23.19 6.12
CA ASN A 10 10.39 22.57 6.36
C ASN A 10 9.82 22.01 5.05
N GLN A 11 10.19 22.66 3.97
CA GLN A 11 9.67 22.26 2.66
C GLN A 11 10.03 20.81 2.35
N PHE A 12 11.27 20.42 2.60
CA PHE A 12 11.67 19.04 2.35
C PHE A 12 10.89 18.07 3.25
N ASN A 13 10.77 18.45 4.52
CA ASN A 13 10.07 17.62 5.49
C ASN A 13 8.59 17.48 5.14
N SER A 14 7.97 18.56 4.71
CA SER A 14 6.55 18.54 4.39
C SER A 14 6.26 17.57 3.25
N ALA A 15 7.09 17.60 2.22
CA ALA A 15 6.89 16.69 1.09
C ALA A 15 7.03 15.24 1.54
N ILE A 16 8.06 14.99 2.36
CA ILE A 16 8.29 13.64 2.85
C ILE A 16 7.10 13.15 3.68
N GLY A 17 6.63 14.00 4.58
CA GLY A 17 5.51 13.62 5.44
C GLY A 17 4.26 13.30 4.63
N LYS A 18 3.94 14.14 3.64
CA LYS A 18 2.77 13.90 2.80
C LYS A 18 2.94 12.63 1.96
N ILE A 19 4.14 12.48 1.41
CA ILE A 19 4.42 11.31 0.58
C ILE A 19 4.28 10.03 1.39
N GLN A 20 4.86 10.00 2.59
CA GLN A 20 4.77 8.83 3.43
C GLN A 20 3.32 8.55 3.82
N ASP A 21 2.61 9.60 4.17
CA ASP A 21 1.20 9.43 4.57
C ASP A 21 0.41 8.85 3.40
N SER A 22 0.64 9.39 2.21
CA SER A 22 -0.08 8.93 1.03
C SER A 22 0.24 7.45 0.77
N LEU A 23 1.52 7.13 0.83
CA LEU A 23 2.00 5.76 0.61
C LEU A 23 1.48 4.83 1.72
N SER A 24 1.46 5.38 2.93
CA SER A 24 1.03 4.63 4.10
C SER A 24 -0.42 4.17 3.98
N SER A 25 -1.30 5.06 3.51
CA SER A 25 -2.70 4.68 3.36
C SER A 25 -2.83 3.54 2.36
N THR A 26 -2.16 3.70 1.23
CA THR A 26 -2.23 2.71 0.15
C THR A 26 -1.76 1.34 0.62
N ALA A 27 -0.69 1.29 1.42
CA ALA A 27 -0.18 0.00 1.85
C ALA A 27 -1.27 -0.79 2.59
N SER A 28 -2.00 -0.12 3.47
CA SER A 28 -3.07 -0.79 4.21
C SER A 28 -4.12 -1.30 3.21
N ALA A 29 -4.42 -0.47 2.24
CA ALA A 29 -5.41 -0.83 1.24
C ALA A 29 -4.97 -2.09 0.49
N LEU A 30 -3.69 -2.14 0.13
CA LEU A 30 -3.14 -3.29 -0.58
C LEU A 30 -3.19 -4.54 0.28
N GLY A 31 -2.90 -4.36 1.57
CA GLY A 31 -2.93 -5.48 2.50
C GLY A 31 -4.32 -6.08 2.59
N LYS A 32 -5.32 -5.22 2.63
CA LYS A 32 -6.70 -5.68 2.70
C LYS A 32 -7.03 -6.47 1.42
N LEU A 33 -6.59 -5.92 0.30
CA LEU A 33 -6.81 -6.55 -1.00
C LEU A 33 -6.17 -7.93 -1.06
N GLN A 34 -5.00 -8.06 -0.46
CA GLN A 34 -4.31 -9.35 -0.46
C GLN A 34 -5.17 -10.40 0.23
N ASP A 35 -5.79 -10.01 1.33
CA ASP A 35 -6.63 -10.93 2.10
C ASP A 35 -7.78 -11.45 1.24
N VAL A 36 -8.43 -10.58 0.48
CA VAL A 36 -9.57 -10.99 -0.35
C VAL A 36 -9.18 -12.06 -1.35
N VAL A 37 -7.90 -12.10 -1.76
CA VAL A 37 -7.39 -13.13 -2.66
C VAL A 37 -7.29 -14.46 -1.93
N ASN A 38 -6.86 -14.35 -0.69
CA ASN A 38 -6.69 -15.56 0.12
C ASN A 38 -8.02 -16.28 0.28
N GLN A 39 -9.08 -15.52 0.54
CA GLN A 39 -10.38 -16.14 0.69
C GLN A 39 -10.79 -16.88 -0.59
N ASN A 40 -10.67 -16.25 -1.75
CA ASN A 40 -11.07 -16.94 -2.98
C ASN A 40 -10.23 -18.18 -3.24
N ALA A 41 -8.92 -18.06 -3.06
CA ALA A 41 -8.01 -19.18 -3.27
C ALA A 41 -8.27 -20.28 -2.24
N GLN A 42 -8.49 -19.85 -1.01
CA GLN A 42 -8.74 -20.75 0.11
C GLN A 42 -10.04 -21.54 -0.10
N ALA A 43 -11.07 -20.87 -0.61
CA ALA A 43 -12.35 -21.53 -0.81
C ALA A 43 -12.21 -22.70 -1.78
N LEU A 44 -11.49 -22.48 -2.88
CA LEU A 44 -11.30 -23.55 -3.86
C LEU A 44 -10.52 -24.71 -3.26
N ASN A 45 -9.51 -24.39 -2.47
CA ASN A 45 -8.70 -25.42 -1.83
C ASN A 45 -9.57 -26.26 -0.90
N THR A 46 -10.42 -25.58 -0.14
CA THR A 46 -11.31 -26.27 0.78
C THR A 46 -12.23 -27.20 0.01
N LEU A 47 -12.74 -26.74 -1.12
CA LEU A 47 -13.61 -27.54 -1.95
C LEU A 47 -12.86 -28.78 -2.45
N VAL A 48 -11.62 -28.55 -2.90
CA VAL A 48 -10.80 -29.64 -3.41
C VAL A 48 -10.56 -30.71 -2.36
N LYS A 49 -10.33 -30.30 -1.11
CA LYS A 49 -10.11 -31.25 -0.04
C LYS A 49 -11.32 -32.15 0.16
N GLN A 50 -12.51 -31.55 0.09
CA GLN A 50 -13.75 -32.31 0.26
C GLN A 50 -13.88 -33.35 -0.85
N SER A 51 -13.55 -32.94 -2.07
CA SER A 51 -13.62 -33.83 -3.22
C SER A 51 -12.76 -33.30 -4.36
N GLY A 52 -11.57 -33.86 -4.51
CA GLY A 52 -10.67 -33.44 -5.58
C GLY A 52 -9.41 -34.29 -5.59
N LEU A 53 -8.54 -34.03 -6.56
CA LEU A 53 -7.29 -34.77 -6.69
C LEU A 53 -6.09 -33.85 -6.48
N VAL A 54 -5.07 -34.37 -5.83
CA VAL A 54 -3.86 -33.58 -5.56
C VAL A 54 -4.22 -32.31 -4.79
N GLY A 1 17.05 31.64 7.96
CA GLY A 1 17.59 30.26 8.14
C GLY A 1 19.10 30.33 8.34
N SER A 2 19.58 29.81 9.47
CA SER A 2 21.00 29.81 9.76
C SER A 2 21.78 29.01 8.73
N TRP A 3 21.21 27.88 8.32
CA TRP A 3 21.87 27.03 7.33
C TRP A 3 20.93 26.70 6.18
N ASN A 4 21.49 26.59 4.98
CA ASN A 4 20.69 26.27 3.79
C ASN A 4 20.03 24.91 3.95
N GLN A 5 20.76 23.96 4.53
CA GLN A 5 20.23 22.62 4.72
C GLN A 5 19.00 22.68 5.63
N LYS A 6 19.06 23.52 6.66
CA LYS A 6 17.94 23.64 7.59
C LYS A 6 16.69 24.13 6.85
N LEU A 7 16.87 25.14 6.01
CA LEU A 7 15.74 25.68 5.26
C LEU A 7 15.19 24.62 4.30
N ILE A 8 16.09 23.92 3.63
CA ILE A 8 15.72 22.87 2.68
C ILE A 8 14.95 21.75 3.38
N ALA A 9 15.43 21.36 4.55
CA ALA A 9 14.80 20.30 5.32
C ALA A 9 13.36 20.67 5.69
N ASN A 10 13.20 21.92 6.08
CA ASN A 10 11.86 22.37 6.48
C ASN A 10 10.86 22.28 5.32
N GLN A 11 11.31 22.71 4.14
CA GLN A 11 10.44 22.63 2.95
C GLN A 11 10.22 21.16 2.54
N PHE A 12 11.32 20.42 2.56
CA PHE A 12 11.37 19.01 2.19
C PHE A 12 10.63 18.10 3.18
N ASN A 13 10.58 18.50 4.43
CA ASN A 13 9.92 17.68 5.44
C ASN A 13 8.43 17.52 5.11
N SER A 14 7.81 18.61 4.67
CA SER A 14 6.38 18.56 4.34
C SER A 14 6.12 17.57 3.20
N ALA A 15 6.95 17.61 2.17
CA ALA A 15 6.76 16.70 1.04
C ALA A 15 6.92 15.25 1.50
N ILE A 16 7.95 15.00 2.30
CA ILE A 16 8.20 13.65 2.79
C ILE A 16 7.02 13.16 3.62
N GLY A 17 6.54 14.00 4.52
CA GLY A 17 5.42 13.62 5.38
C GLY A 17 4.17 13.30 4.57
N LYS A 18 3.85 14.13 3.58
CA LYS A 18 2.68 13.89 2.74
C LYS A 18 2.85 12.62 1.90
N ILE A 19 4.04 12.48 1.33
CA ILE A 19 4.31 11.31 0.49
C ILE A 19 4.21 10.02 1.30
N GLN A 20 4.80 9.99 2.49
CA GLN A 20 4.74 8.80 3.32
C GLN A 20 3.29 8.52 3.73
N ASP A 21 2.58 9.56 4.10
CA ASP A 21 1.18 9.38 4.51
C ASP A 21 0.36 8.81 3.34
N SER A 22 0.58 9.36 2.16
CA SER A 22 -0.16 8.90 0.98
C SER A 22 0.16 7.43 0.71
N LEU A 23 1.45 7.12 0.73
CA LEU A 23 1.93 5.76 0.50
C LEU A 23 1.44 4.82 1.60
N SER A 24 1.44 5.34 2.81
CA SER A 24 1.02 4.57 3.98
C SER A 24 -0.43 4.11 3.88
N SER A 25 -1.32 4.99 3.43
CA SER A 25 -2.72 4.61 3.30
C SER A 25 -2.87 3.47 2.31
N THR A 26 -2.24 3.62 1.14
CA THR A 26 -2.34 2.62 0.09
C THR A 26 -1.84 1.26 0.55
N ALA A 27 -0.76 1.23 1.35
CA ALA A 27 -0.24 -0.05 1.78
C ALA A 27 -1.31 -0.84 2.53
N SER A 28 -2.04 -0.15 3.42
CA SER A 28 -3.10 -0.82 4.18
C SER A 28 -4.16 -1.33 3.20
N ALA A 29 -4.48 -0.50 2.23
CA ALA A 29 -5.49 -0.88 1.25
C ALA A 29 -5.06 -2.14 0.51
N LEU A 30 -3.79 -2.19 0.13
CA LEU A 30 -3.24 -3.34 -0.57
C LEU A 30 -3.28 -4.59 0.32
N GLY A 31 -3.00 -4.39 1.60
CA GLY A 31 -3.02 -5.49 2.56
C GLY A 31 -4.42 -6.10 2.64
N LYS A 32 -5.42 -5.22 2.67
CA LYS A 32 -6.80 -5.69 2.72
C LYS A 32 -7.10 -6.51 1.47
N LEU A 33 -6.64 -5.99 0.33
CA LEU A 33 -6.85 -6.65 -0.96
C LEU A 33 -6.19 -8.03 -0.99
N GLN A 34 -5.01 -8.14 -0.37
CA GLN A 34 -4.31 -9.41 -0.33
C GLN A 34 -5.16 -10.46 0.38
N ASP A 35 -5.78 -10.05 1.48
CA ASP A 35 -6.61 -10.97 2.24
C ASP A 35 -7.75 -11.49 1.37
N VAL A 36 -8.36 -10.59 0.60
CA VAL A 36 -9.47 -10.93 -0.27
C VAL A 36 -9.11 -12.01 -1.29
N VAL A 37 -7.85 -12.02 -1.77
CA VAL A 37 -7.38 -13.04 -2.71
C VAL A 37 -7.22 -14.38 -1.99
N ASN A 38 -6.75 -14.27 -0.75
CA ASN A 38 -6.53 -15.48 0.03
C ASN A 38 -7.84 -16.23 0.22
N GLN A 39 -8.90 -15.50 0.51
CA GLN A 39 -10.20 -16.16 0.69
C GLN A 39 -10.59 -16.88 -0.61
N ASN A 40 -10.50 -16.22 -1.76
CA ASN A 40 -10.89 -16.88 -3.00
C ASN A 40 -10.02 -18.10 -3.31
N ALA A 41 -8.70 -17.94 -3.18
CA ALA A 41 -7.78 -19.04 -3.45
C ALA A 41 -8.00 -20.19 -2.48
N GLN A 42 -8.21 -19.85 -1.23
CA GLN A 42 -8.44 -20.84 -0.19
C GLN A 42 -9.72 -21.63 -0.48
N ALA A 43 -10.74 -20.92 -0.95
CA ALA A 43 -12.01 -21.56 -1.24
C ALA A 43 -11.84 -22.61 -2.35
N LEU A 44 -11.08 -22.28 -3.38
CA LEU A 44 -10.85 -23.21 -4.49
C LEU A 44 -10.07 -24.42 -4.01
N ASN A 45 -9.07 -24.18 -3.16
CA ASN A 45 -8.25 -25.27 -2.64
C ASN A 45 -9.12 -26.23 -1.83
N THR A 46 -9.99 -25.66 -1.00
CA THR A 46 -10.88 -26.48 -0.18
C THR A 46 -11.79 -27.33 -1.07
N LEU A 47 -12.28 -26.72 -2.14
CA LEU A 47 -13.15 -27.44 -3.07
C LEU A 47 -12.38 -28.58 -3.73
N VAL A 48 -11.15 -28.28 -4.17
CA VAL A 48 -10.31 -29.26 -4.84
C VAL A 48 -9.99 -30.45 -3.93
N LYS A 49 -9.72 -30.18 -2.65
CA LYS A 49 -9.41 -31.25 -1.72
C LYS A 49 -10.59 -32.20 -1.59
N GLN A 50 -11.80 -31.65 -1.56
CA GLN A 50 -12.99 -32.48 -1.47
C GLN A 50 -13.11 -33.39 -2.68
N SER A 51 -12.83 -32.84 -3.86
CA SER A 51 -12.90 -33.61 -5.09
C SER A 51 -11.78 -34.65 -5.15
N GLY A 52 -10.73 -34.43 -4.35
CA GLY A 52 -9.60 -35.36 -4.34
C GLY A 52 -8.51 -34.91 -5.30
N LEU A 53 -7.35 -35.54 -5.22
CA LEU A 53 -6.23 -35.20 -6.09
C LEU A 53 -5.96 -36.33 -7.07
N VAL A 54 -5.96 -36.00 -8.36
CA VAL A 54 -5.71 -36.99 -9.39
C VAL A 54 -4.45 -37.79 -9.07
N GLY A 1 17.05 36.31 2.81
CA GLY A 1 15.68 35.84 3.12
C GLY A 1 15.74 34.71 4.15
N SER A 2 15.94 35.08 5.41
CA SER A 2 16.03 34.10 6.48
C SER A 2 14.71 33.32 6.59
N TRP A 3 13.60 34.03 6.45
CA TRP A 3 12.29 33.41 6.53
C TRP A 3 12.15 32.34 5.45
N ASN A 4 12.53 32.68 4.22
CA ASN A 4 12.43 31.75 3.11
C ASN A 4 13.31 30.53 3.36
N GLN A 5 14.50 30.77 3.91
CA GLN A 5 15.44 29.70 4.21
C GLN A 5 14.84 28.72 5.21
N LYS A 6 14.13 29.25 6.20
CA LYS A 6 13.48 28.42 7.20
C LYS A 6 12.42 27.55 6.54
N LEU A 7 11.68 28.16 5.61
CA LEU A 7 10.62 27.47 4.90
C LEU A 7 11.18 26.30 4.08
N ILE A 8 12.34 26.49 3.47
CA ILE A 8 12.92 25.43 2.64
C ILE A 8 13.21 24.18 3.48
N ALA A 9 13.79 24.37 4.66
CA ALA A 9 14.11 23.20 5.49
C ALA A 9 12.83 22.44 5.83
N ASN A 10 11.77 23.17 6.16
CA ASN A 10 10.48 22.56 6.45
C ASN A 10 9.87 21.99 5.16
N GLN A 11 10.20 22.64 4.06
CA GLN A 11 9.64 22.23 2.77
C GLN A 11 9.97 20.77 2.45
N PHE A 12 11.23 20.38 2.63
CA PHE A 12 11.59 18.99 2.34
C PHE A 12 10.85 18.05 3.28
N ASN A 13 10.73 18.45 4.54
CA ASN A 13 10.03 17.64 5.53
C ASN A 13 8.56 17.48 5.19
N SER A 14 7.93 18.57 4.73
CA SER A 14 6.52 18.52 4.40
C SER A 14 6.25 17.54 3.26
N ALA A 15 7.09 17.57 2.23
CA ALA A 15 6.92 16.67 1.10
C ALA A 15 7.05 15.22 1.56
N ILE A 16 8.07 14.97 2.37
CA ILE A 16 8.31 13.62 2.87
C ILE A 16 7.12 13.14 3.68
N GLY A 17 6.64 13.98 4.59
CA GLY A 17 5.52 13.60 5.43
C GLY A 17 4.27 13.29 4.63
N LYS A 18 3.96 14.12 3.63
CA LYS A 18 2.79 13.89 2.78
C LYS A 18 2.96 12.62 1.95
N ILE A 19 4.16 12.47 1.38
CA ILE A 19 4.43 11.30 0.54
C ILE A 19 4.30 10.01 1.35
N GLN A 20 4.89 9.99 2.54
CA GLN A 20 4.82 8.80 3.38
C GLN A 20 3.37 8.51 3.77
N ASP A 21 2.66 9.56 4.13
CA ASP A 21 1.26 9.39 4.54
C ASP A 21 0.44 8.82 3.37
N SER A 22 0.66 9.38 2.19
CA SER A 22 -0.07 8.92 1.00
C SER A 22 0.25 7.45 0.73
N LEU A 23 1.53 7.13 0.76
CA LEU A 23 2.01 5.76 0.53
C LEU A 23 1.51 4.83 1.62
N SER A 24 1.49 5.35 2.84
CA SER A 24 1.07 4.59 4.01
C SER A 24 -0.38 4.13 3.90
N SER A 25 -1.27 5.02 3.44
CA SER A 25 -2.67 4.63 3.32
C SER A 25 -2.82 3.50 2.30
N THR A 26 -2.16 3.64 1.17
CA THR A 26 -2.25 2.66 0.10
C THR A 26 -1.78 1.28 0.56
N ALA A 27 -0.71 1.24 1.35
CA ALA A 27 -0.20 -0.05 1.79
C ALA A 27 -1.28 -0.81 2.55
N SER A 28 -2.02 -0.13 3.43
CA SER A 28 -3.07 -0.78 4.18
C SER A 28 -4.14 -1.29 3.21
N ALA A 29 -4.45 -0.45 2.23
CA ALA A 29 -5.46 -0.83 1.24
C ALA A 29 -5.04 -2.09 0.51
N LEU A 30 -3.76 -2.15 0.14
CA LEU A 30 -3.21 -3.31 -0.56
C LEU A 30 -3.27 -4.55 0.33
N GLY A 31 -2.98 -4.35 1.61
CA GLY A 31 -3.02 -5.45 2.56
C GLY A 31 -4.42 -6.05 2.64
N LYS A 32 -5.42 -5.18 2.65
CA LYS A 32 -6.80 -5.64 2.70
C LYS A 32 -7.10 -6.45 1.45
N LEU A 33 -6.63 -5.94 0.31
CA LEU A 33 -6.82 -6.59 -0.98
C LEU A 33 -6.19 -7.97 -0.99
N GLN A 34 -5.01 -8.09 -0.38
CA GLN A 34 -4.31 -9.38 -0.34
C GLN A 34 -5.18 -10.41 0.38
N ASP A 35 -5.81 -10.00 1.47
CA ASP A 35 -6.65 -10.91 2.24
C ASP A 35 -7.78 -11.42 1.35
N VAL A 36 -8.39 -10.52 0.58
CA VAL A 36 -9.49 -10.85 -0.30
C VAL A 36 -9.12 -11.93 -1.32
N VAL A 37 -7.86 -11.94 -1.77
CA VAL A 37 -7.37 -12.96 -2.70
C VAL A 37 -7.23 -14.30 -2.00
N ASN A 38 -6.80 -14.21 -0.75
CA ASN A 38 -6.59 -15.43 0.03
C ASN A 38 -7.91 -16.20 0.21
N GLN A 39 -8.97 -15.50 0.57
CA GLN A 39 -10.26 -16.18 0.72
C GLN A 39 -10.66 -16.72 -0.65
N ASN A 40 -10.46 -15.82 -1.60
CA ASN A 40 -10.76 -16.02 -3.01
C ASN A 40 -9.90 -17.09 -3.68
N ALA A 41 -8.84 -17.53 -3.02
CA ALA A 41 -7.90 -18.49 -3.63
C ALA A 41 -8.61 -19.68 -4.26
N GLN A 42 -9.64 -20.25 -3.63
CA GLN A 42 -10.34 -21.37 -4.25
C GLN A 42 -10.95 -20.88 -5.56
N ALA A 43 -11.47 -19.67 -5.50
CA ALA A 43 -12.08 -19.03 -6.66
C ALA A 43 -11.03 -18.78 -7.74
N LEU A 44 -9.84 -18.41 -7.28
CA LEU A 44 -8.73 -18.10 -8.19
C LEU A 44 -8.34 -19.32 -9.03
N ASN A 45 -8.26 -20.47 -8.38
CA ASN A 45 -7.87 -21.68 -9.10
C ASN A 45 -8.86 -22.01 -10.20
N THR A 46 -10.16 -21.94 -9.90
CA THR A 46 -11.19 -22.24 -10.88
C THR A 46 -11.10 -21.28 -12.07
N LEU A 47 -10.86 -20.01 -11.79
CA LEU A 47 -10.75 -19.00 -12.85
C LEU A 47 -9.54 -19.28 -13.73
N VAL A 48 -8.42 -19.64 -13.10
CA VAL A 48 -7.21 -19.96 -13.84
C VAL A 48 -7.43 -21.20 -14.70
N LYS A 49 -8.05 -22.20 -14.11
CA LYS A 49 -8.34 -23.46 -14.80
C LYS A 49 -9.25 -23.23 -16.00
N GLN A 50 -10.27 -22.41 -15.81
CA GLN A 50 -11.21 -22.12 -16.89
C GLN A 50 -10.50 -21.45 -18.07
N SER A 51 -9.62 -20.50 -17.76
CA SER A 51 -8.89 -19.79 -18.81
C SER A 51 -7.96 -20.74 -19.57
N GLY A 52 -7.55 -21.82 -18.91
CA GLY A 52 -6.66 -22.79 -19.54
C GLY A 52 -7.32 -24.16 -19.63
N LEU A 53 -6.52 -25.18 -19.92
CA LEU A 53 -7.02 -26.55 -20.03
C LEU A 53 -6.17 -27.50 -19.21
N VAL A 54 -6.81 -28.25 -18.33
CA VAL A 54 -6.09 -29.21 -17.48
C VAL A 54 -6.13 -30.60 -18.11
N GLY A 1 27.01 33.18 10.17
CA GLY A 1 27.72 32.31 9.18
C GLY A 1 26.85 32.14 7.94
N SER A 2 26.45 30.90 7.66
CA SER A 2 25.63 30.62 6.50
C SER A 2 24.81 29.35 6.73
N TRP A 3 23.75 29.18 5.94
CA TRP A 3 22.88 28.02 6.06
C TRP A 3 22.13 27.76 4.76
N ASN A 4 21.62 26.54 4.60
CA ASN A 4 20.88 26.18 3.40
C ASN A 4 20.19 24.83 3.57
N GLN A 5 20.91 23.88 4.17
CA GLN A 5 20.37 22.54 4.40
C GLN A 5 19.15 22.61 5.31
N LYS A 6 19.24 23.44 6.35
CA LYS A 6 18.14 23.57 7.29
C LYS A 6 16.88 24.09 6.59
N LEU A 7 17.05 25.10 5.75
CA LEU A 7 15.91 25.66 5.03
C LEU A 7 15.30 24.61 4.10
N ILE A 8 16.17 23.89 3.38
CA ILE A 8 15.73 22.86 2.45
C ILE A 8 14.99 21.73 3.19
N ALA A 9 15.51 21.35 4.34
CA ALA A 9 14.89 20.28 5.12
C ALA A 9 13.48 20.67 5.57
N ASN A 10 13.34 21.91 5.98
CA ASN A 10 12.03 22.38 6.44
C ASN A 10 10.98 22.27 5.31
N GLN A 11 11.37 22.72 4.14
CA GLN A 11 10.46 22.63 2.98
C GLN A 11 10.27 21.15 2.57
N PHE A 12 11.38 20.44 2.60
CA PHE A 12 11.48 19.02 2.22
C PHE A 12 10.70 18.10 3.17
N ASN A 13 10.61 18.49 4.43
CA ASN A 13 9.90 17.66 5.42
C ASN A 13 8.44 17.50 5.04
N SER A 14 7.82 18.57 4.54
CA SER A 14 6.41 18.52 4.17
C SER A 14 6.18 17.48 3.08
N ALA A 15 7.07 17.47 2.08
CA ALA A 15 6.94 16.51 0.98
C ALA A 15 7.02 15.08 1.53
N ILE A 16 7.98 14.86 2.42
CA ILE A 16 8.15 13.52 3.00
C ILE A 16 6.90 13.09 3.75
N GLY A 17 6.37 13.99 4.57
CA GLY A 17 5.19 13.66 5.37
C GLY A 17 3.99 13.31 4.49
N LYS A 18 3.74 14.11 3.45
CA LYS A 18 2.61 13.83 2.55
C LYS A 18 2.84 12.53 1.78
N ILE A 19 4.06 12.36 1.31
CA ILE A 19 4.40 11.17 0.54
C ILE A 19 4.22 9.91 1.38
N GLN A 20 4.73 9.92 2.61
CA GLN A 20 4.61 8.77 3.48
C GLN A 20 3.14 8.51 3.82
N ASP A 21 2.42 9.57 4.10
CA ASP A 21 1.01 9.43 4.43
C ASP A 21 0.25 8.80 3.26
N SER A 22 0.54 9.31 2.06
CA SER A 22 -0.12 8.79 0.85
C SER A 22 0.21 7.31 0.66
N LEU A 23 1.48 6.98 0.80
CA LEU A 23 1.95 5.61 0.66
C LEU A 23 1.39 4.72 1.78
N SER A 24 1.32 5.31 2.96
CA SER A 24 0.83 4.59 4.14
C SER A 24 -0.62 4.14 3.96
N SER A 25 -1.47 5.01 3.42
CA SER A 25 -2.86 4.63 3.22
C SER A 25 -2.94 3.47 2.22
N THR A 26 -2.24 3.61 1.11
CA THR A 26 -2.25 2.60 0.07
C THR A 26 -1.77 1.25 0.56
N ALA A 27 -0.74 1.23 1.42
CA ALA A 27 -0.23 -0.05 1.89
C ALA A 27 -1.33 -0.84 2.60
N SER A 28 -2.09 -0.15 3.47
CA SER A 28 -3.17 -0.82 4.18
C SER A 28 -4.20 -1.33 3.18
N ALA A 29 -4.50 -0.50 2.20
CA ALA A 29 -5.49 -0.88 1.19
C ALA A 29 -5.02 -2.13 0.44
N LEU A 30 -3.74 -2.17 0.09
CA LEU A 30 -3.18 -3.32 -0.61
C LEU A 30 -3.22 -4.57 0.26
N GLY A 31 -2.95 -4.39 1.55
CA GLY A 31 -2.97 -5.51 2.48
C GLY A 31 -4.36 -6.11 2.57
N LYS A 32 -5.37 -5.25 2.61
CA LYS A 32 -6.74 -5.72 2.67
C LYS A 32 -7.07 -6.50 1.39
N LEU A 33 -6.64 -5.95 0.27
CA LEU A 33 -6.87 -6.56 -1.03
C LEU A 33 -6.21 -7.92 -1.12
N GLN A 34 -5.00 -8.05 -0.57
CA GLN A 34 -4.29 -9.31 -0.58
C GLN A 34 -5.03 -10.35 0.25
N ASP A 35 -5.53 -9.92 1.40
CA ASP A 35 -6.25 -10.82 2.29
C ASP A 35 -7.50 -11.39 1.64
N VAL A 36 -8.26 -10.54 0.95
CA VAL A 36 -9.50 -11.02 0.34
C VAL A 36 -9.21 -12.09 -0.70
N VAL A 37 -8.31 -11.79 -1.65
CA VAL A 37 -7.98 -12.75 -2.71
C VAL A 37 -7.49 -14.06 -2.12
N ASN A 38 -6.81 -13.98 -0.99
CA ASN A 38 -6.32 -15.20 -0.35
C ASN A 38 -7.53 -16.09 -0.04
N GLN A 39 -8.57 -15.47 0.49
CA GLN A 39 -9.79 -16.20 0.83
C GLN A 39 -10.36 -16.85 -0.44
N ASN A 40 -10.42 -16.13 -1.54
CA ASN A 40 -10.97 -16.72 -2.76
C ASN A 40 -10.16 -17.93 -3.22
N ALA A 41 -8.84 -17.77 -3.22
CA ALA A 41 -7.94 -18.85 -3.62
C ALA A 41 -8.04 -20.02 -2.65
N GLN A 42 -8.12 -19.67 -1.38
CA GLN A 42 -8.22 -20.65 -0.31
C GLN A 42 -9.51 -21.44 -0.41
N ALA A 43 -10.59 -20.75 -0.75
CA ALA A 43 -11.89 -21.39 -0.87
C ALA A 43 -11.87 -22.51 -1.91
N LEU A 44 -11.24 -22.25 -3.04
CA LEU A 44 -11.15 -23.26 -4.09
C LEU A 44 -10.34 -24.46 -3.59
N ASN A 45 -9.23 -24.17 -2.90
CA ASN A 45 -8.37 -25.23 -2.39
C ASN A 45 -9.13 -26.10 -1.38
N THR A 46 -9.90 -25.47 -0.51
CA THR A 46 -10.67 -26.21 0.48
C THR A 46 -11.70 -27.10 -0.23
N LEU A 47 -12.28 -26.56 -1.30
CA LEU A 47 -13.26 -27.33 -2.07
C LEU A 47 -12.58 -28.56 -2.67
N VAL A 48 -11.38 -28.34 -3.22
CA VAL A 48 -10.63 -29.43 -3.84
C VAL A 48 -10.30 -30.51 -2.83
N LYS A 49 -9.95 -30.11 -1.61
CA LYS A 49 -9.62 -31.07 -0.56
C LYS A 49 -10.82 -31.96 -0.26
N GLN A 50 -12.00 -31.35 -0.22
CA GLN A 50 -13.22 -32.10 0.06
C GLN A 50 -13.47 -33.14 -1.03
N SER A 51 -13.22 -32.75 -2.27
CA SER A 51 -13.42 -33.65 -3.40
C SER A 51 -14.83 -34.21 -3.40
N GLY A 52 -15.80 -33.37 -3.06
CA GLY A 52 -17.20 -33.80 -3.02
C GLY A 52 -17.67 -34.24 -4.41
N LEU A 53 -17.25 -33.52 -5.44
CA LEU A 53 -17.63 -33.85 -6.80
C LEU A 53 -16.41 -34.32 -7.59
N VAL A 54 -16.50 -35.51 -8.17
CA VAL A 54 -15.40 -36.06 -8.95
C VAL A 54 -15.93 -36.81 -10.16
N GLY A 1 9.03 30.04 9.87
CA GLY A 1 8.27 29.95 8.59
C GLY A 1 8.34 31.29 7.87
N SER A 2 8.50 32.37 8.63
CA SER A 2 8.58 33.70 8.05
C SER A 2 9.78 33.81 7.13
N TRP A 3 10.90 33.23 7.55
CA TRP A 3 12.12 33.26 6.75
C TRP A 3 12.07 32.24 5.63
N ASN A 4 12.53 32.63 4.45
CA ASN A 4 12.52 31.72 3.31
C ASN A 4 13.37 30.49 3.58
N GLN A 5 14.52 30.71 4.23
CA GLN A 5 15.42 29.61 4.57
C GLN A 5 14.74 28.62 5.50
N LYS A 6 13.97 29.15 6.45
CA LYS A 6 13.24 28.31 7.40
C LYS A 6 12.21 27.47 6.64
N LEU A 7 11.55 28.11 5.69
CA LEU A 7 10.53 27.44 4.90
C LEU A 7 11.12 26.27 4.10
N ILE A 8 12.32 26.47 3.56
CA ILE A 8 12.95 25.42 2.77
C ILE A 8 13.19 24.17 3.60
N ALA A 9 13.69 24.34 4.82
CA ALA A 9 13.95 23.18 5.66
C ALA A 9 12.66 22.40 5.93
N ASN A 10 11.60 23.14 6.21
CA ASN A 10 10.28 22.54 6.41
C ASN A 10 9.74 21.96 5.09
N GLN A 11 10.14 22.62 4.02
CA GLN A 11 9.65 22.22 2.70
C GLN A 11 10.03 20.77 2.38
N PHE A 12 11.27 20.39 2.66
CA PHE A 12 11.70 19.03 2.40
C PHE A 12 10.92 18.06 3.29
N ASN A 13 10.75 18.44 4.55
CA ASN A 13 10.02 17.61 5.51
C ASN A 13 8.56 17.45 5.12
N SER A 14 7.95 18.52 4.62
CA SER A 14 6.55 18.48 4.23
C SER A 14 6.32 17.45 3.14
N ALA A 15 7.21 17.43 2.15
CA ALA A 15 7.08 16.48 1.06
C ALA A 15 7.15 15.06 1.60
N ILE A 16 8.10 14.81 2.50
CA ILE A 16 8.26 13.49 3.07
C ILE A 16 7.00 13.06 3.83
N GLY A 17 6.48 13.96 4.65
CA GLY A 17 5.29 13.64 5.43
C GLY A 17 4.09 13.30 4.55
N LYS A 18 3.85 14.09 3.51
CA LYS A 18 2.72 13.83 2.61
C LYS A 18 2.94 12.53 1.83
N ILE A 19 4.18 12.36 1.37
CA ILE A 19 4.52 11.15 0.60
C ILE A 19 4.32 9.90 1.44
N GLN A 20 4.82 9.91 2.66
CA GLN A 20 4.68 8.75 3.54
C GLN A 20 3.22 8.50 3.87
N ASP A 21 2.50 9.57 4.15
CA ASP A 21 1.08 9.44 4.47
C ASP A 21 0.33 8.81 3.29
N SER A 22 0.63 9.32 2.10
CA SER A 22 -0.02 8.81 0.89
C SER A 22 0.30 7.33 0.70
N LEU A 23 1.57 6.99 0.84
CA LEU A 23 2.04 5.62 0.70
C LEU A 23 1.46 4.74 1.81
N SER A 24 1.38 5.31 3.00
CA SER A 24 0.87 4.61 4.17
C SER A 24 -0.58 4.16 3.98
N SER A 25 -1.42 5.03 3.44
CA SER A 25 -2.81 4.66 3.24
C SER A 25 -2.89 3.51 2.24
N THR A 26 -2.16 3.64 1.13
CA THR A 26 -2.17 2.64 0.07
C THR A 26 -1.71 1.28 0.58
N ALA A 27 -0.69 1.24 1.43
CA ALA A 27 -0.19 -0.05 1.90
C ALA A 27 -1.31 -0.81 2.62
N SER A 28 -2.06 -0.13 3.48
CA SER A 28 -3.15 -0.80 4.19
C SER A 28 -4.19 -1.29 3.19
N ALA A 29 -4.46 -0.46 2.19
CA ALA A 29 -5.44 -0.82 1.18
C ALA A 29 -5.00 -2.08 0.43
N LEU A 30 -3.71 -2.13 0.10
CA LEU A 30 -3.15 -3.28 -0.61
C LEU A 30 -3.21 -4.53 0.26
N GLY A 31 -2.94 -4.35 1.55
CA GLY A 31 -2.97 -5.47 2.48
C GLY A 31 -4.37 -6.06 2.57
N LYS A 32 -5.37 -5.20 2.60
CA LYS A 32 -6.75 -5.66 2.65
C LYS A 32 -7.08 -6.43 1.38
N LEU A 33 -6.63 -5.89 0.25
CA LEU A 33 -6.87 -6.51 -1.05
C LEU A 33 -6.21 -7.88 -1.14
N GLN A 34 -5.00 -8.00 -0.57
CA GLN A 34 -4.29 -9.26 -0.57
C GLN A 34 -5.05 -10.31 0.26
N ASP A 35 -5.57 -9.86 1.40
CA ASP A 35 -6.29 -10.76 2.28
C ASP A 35 -7.54 -11.32 1.60
N VAL A 36 -8.30 -10.46 0.93
CA VAL A 36 -9.53 -10.92 0.30
C VAL A 36 -9.23 -11.98 -0.75
N VAL A 37 -8.31 -11.69 -1.68
CA VAL A 37 -7.96 -12.64 -2.73
C VAL A 37 -7.51 -13.98 -2.14
N ASN A 38 -6.85 -13.91 -0.99
CA ASN A 38 -6.39 -15.16 -0.37
C ASN A 38 -7.60 -16.06 -0.07
N GLN A 39 -8.62 -15.50 0.56
CA GLN A 39 -9.83 -16.28 0.87
C GLN A 39 -10.48 -16.72 -0.45
N ASN A 40 -10.49 -15.74 -1.31
CA ASN A 40 -11.06 -15.85 -2.66
C ASN A 40 -10.25 -16.77 -3.58
N ALA A 41 -9.07 -17.20 -3.14
CA ALA A 41 -8.20 -18.00 -4.00
C ALA A 41 -8.94 -19.19 -4.60
N GLN A 42 -9.80 -19.88 -3.86
CA GLN A 42 -10.53 -21.00 -4.42
C GLN A 42 -11.43 -20.48 -5.55
N ALA A 43 -12.01 -19.32 -5.30
CA ALA A 43 -12.88 -18.68 -6.29
C ALA A 43 -12.10 -18.30 -7.54
N LEU A 44 -10.87 -17.83 -7.33
CA LEU A 44 -10.02 -17.42 -8.43
C LEU A 44 -9.69 -18.60 -9.34
N ASN A 45 -9.43 -19.76 -8.75
CA ASN A 45 -9.10 -20.94 -9.53
C ASN A 45 -10.27 -21.32 -10.44
N THR A 46 -11.47 -21.30 -9.89
CA THR A 46 -12.67 -21.63 -10.65
C THR A 46 -12.85 -20.65 -11.81
N LEU A 47 -12.61 -19.37 -11.54
CA LEU A 47 -12.74 -18.34 -12.57
C LEU A 47 -11.73 -18.57 -13.69
N VAL A 48 -10.51 -18.91 -13.30
CA VAL A 48 -9.45 -19.17 -14.28
C VAL A 48 -9.81 -20.38 -15.13
N LYS A 49 -10.28 -21.44 -14.47
CA LYS A 49 -10.65 -22.66 -15.16
C LYS A 49 -11.78 -22.39 -16.15
N GLN A 50 -12.77 -21.61 -15.72
CA GLN A 50 -13.90 -21.29 -16.58
C GLN A 50 -13.43 -20.54 -17.80
N SER A 51 -12.49 -19.61 -17.61
CA SER A 51 -11.97 -18.84 -18.73
C SER A 51 -11.29 -19.76 -19.73
N GLY A 52 -10.52 -20.72 -19.22
CA GLY A 52 -9.82 -21.67 -20.08
C GLY A 52 -8.48 -22.06 -19.48
N LEU A 53 -8.46 -23.15 -18.73
CA LEU A 53 -7.24 -23.62 -18.10
C LEU A 53 -6.19 -23.96 -19.16
N VAL A 54 -6.62 -24.66 -20.20
CA VAL A 54 -5.72 -25.05 -21.27
C VAL A 54 -6.36 -24.80 -22.64
N GLY A 1 17.12 37.32 9.27
CA GLY A 1 15.84 36.97 8.60
C GLY A 1 15.93 35.56 8.04
N SER A 2 16.25 35.45 6.75
CA SER A 2 16.37 34.15 6.11
C SER A 2 15.08 33.35 6.29
N TRP A 3 13.95 34.04 6.19
CA TRP A 3 12.66 33.38 6.35
C TRP A 3 12.47 32.31 5.27
N ASN A 4 12.81 32.66 4.04
CA ASN A 4 12.67 31.71 2.93
C ASN A 4 13.52 30.47 3.18
N GLN A 5 14.74 30.69 3.69
CA GLN A 5 15.64 29.59 3.98
C GLN A 5 15.03 28.65 5.01
N LYS A 6 14.35 29.23 6.01
CA LYS A 6 13.69 28.43 7.03
C LYS A 6 12.58 27.60 6.40
N LEU A 7 11.85 28.22 5.48
CA LEU A 7 10.75 27.56 4.79
C LEU A 7 11.26 26.36 3.99
N ILE A 8 12.42 26.52 3.36
CA ILE A 8 12.97 25.44 2.54
C ILE A 8 13.22 24.19 3.39
N ALA A 9 13.81 24.39 4.57
CA ALA A 9 14.10 23.24 5.42
C ALA A 9 12.80 22.50 5.78
N ASN A 10 11.76 23.26 6.08
CA ASN A 10 10.44 22.69 6.37
C ASN A 10 9.84 22.10 5.10
N GLN A 11 10.18 22.73 3.99
CA GLN A 11 9.62 22.31 2.71
C GLN A 11 9.95 20.85 2.41
N PHE A 12 11.20 20.45 2.64
CA PHE A 12 11.56 19.06 2.39
C PHE A 12 10.78 18.14 3.31
N ASN A 13 10.64 18.56 4.57
CA ASN A 13 9.91 17.78 5.55
C ASN A 13 8.43 17.62 5.16
N SER A 14 7.83 18.68 4.66
CA SER A 14 6.42 18.63 4.28
C SER A 14 6.17 17.62 3.17
N ALA A 15 7.02 17.65 2.14
CA ALA A 15 6.84 16.73 1.02
C ALA A 15 6.99 15.27 1.47
N ILE A 16 8.02 14.99 2.27
CA ILE A 16 8.24 13.62 2.72
C ILE A 16 7.07 13.14 3.58
N GLY A 17 6.60 14.01 4.48
CA GLY A 17 5.49 13.63 5.35
C GLY A 17 4.23 13.31 4.55
N LYS A 18 3.92 14.14 3.56
CA LYS A 18 2.74 13.89 2.72
C LYS A 18 2.92 12.61 1.91
N ILE A 19 4.12 12.45 1.37
CA ILE A 19 4.40 11.26 0.55
C ILE A 19 4.25 9.99 1.38
N GLN A 20 4.81 9.97 2.59
CA GLN A 20 4.71 8.80 3.45
C GLN A 20 3.25 8.54 3.82
N ASP A 21 2.54 9.61 4.14
CA ASP A 21 1.13 9.44 4.51
C ASP A 21 0.33 8.86 3.34
N SER A 22 0.58 9.40 2.15
CA SER A 22 -0.13 8.92 0.97
C SER A 22 0.20 7.45 0.69
N LEU A 23 1.49 7.14 0.72
CA LEU A 23 1.96 5.78 0.49
C LEU A 23 1.50 4.84 1.61
N SER A 24 1.51 5.35 2.82
CA SER A 24 1.15 4.57 3.99
C SER A 24 -0.31 4.11 3.93
N SER A 25 -1.21 4.99 3.49
CA SER A 25 -2.61 4.59 3.41
C SER A 25 -2.78 3.47 2.39
N THR A 26 -2.15 3.63 1.23
CA THR A 26 -2.27 2.65 0.16
C THR A 26 -1.75 1.28 0.59
N ALA A 27 -0.68 1.23 1.38
CA ALA A 27 -0.15 -0.06 1.78
C ALA A 27 -1.22 -0.85 2.53
N SER A 28 -1.94 -0.19 3.43
CA SER A 28 -3.00 -0.85 4.17
C SER A 28 -4.06 -1.35 3.19
N ALA A 29 -4.39 -0.50 2.23
CA ALA A 29 -5.41 -0.87 1.25
C ALA A 29 -4.98 -2.12 0.49
N LEU A 30 -3.71 -2.16 0.10
CA LEU A 30 -3.16 -3.31 -0.61
C LEU A 30 -3.21 -4.56 0.26
N GLY A 31 -2.90 -4.38 1.54
CA GLY A 31 -2.92 -5.50 2.48
C GLY A 31 -4.31 -6.10 2.56
N LYS A 32 -5.32 -5.23 2.62
CA LYS A 32 -6.69 -5.71 2.68
C LYS A 32 -7.02 -6.49 1.42
N LEU A 33 -6.58 -5.97 0.28
CA LEU A 33 -6.81 -6.59 -1.01
C LEU A 33 -6.16 -7.97 -1.06
N GLN A 34 -4.99 -8.11 -0.46
CA GLN A 34 -4.30 -9.40 -0.45
C GLN A 34 -5.16 -10.44 0.26
N ASP A 35 -5.78 -10.03 1.38
CA ASP A 35 -6.62 -10.94 2.16
C ASP A 35 -7.77 -11.46 1.31
N VAL A 36 -8.41 -10.57 0.55
CA VAL A 36 -9.55 -10.92 -0.28
C VAL A 36 -9.21 -12.03 -1.28
N VAL A 37 -7.96 -12.06 -1.75
CA VAL A 37 -7.50 -13.10 -2.67
C VAL A 37 -7.37 -14.43 -1.93
N ASN A 38 -6.92 -14.32 -0.69
CA ASN A 38 -6.74 -15.50 0.13
C ASN A 38 -8.07 -16.25 0.30
N GLN A 39 -9.12 -15.50 0.58
CA GLN A 39 -10.42 -16.14 0.75
C GLN A 39 -10.83 -16.85 -0.55
N ASN A 40 -10.72 -16.20 -1.70
CA ASN A 40 -11.13 -16.86 -2.95
C ASN A 40 -10.28 -18.10 -3.23
N ALA A 41 -8.97 -17.97 -3.03
CA ALA A 41 -8.05 -19.08 -3.28
C ALA A 41 -8.33 -20.23 -2.30
N GLN A 42 -8.58 -19.85 -1.05
CA GLN A 42 -8.85 -20.82 -0.01
C GLN A 42 -10.15 -21.60 -0.29
N ALA A 43 -11.15 -20.89 -0.77
CA ALA A 43 -12.44 -21.52 -1.07
C ALA A 43 -12.27 -22.60 -2.14
N LEU A 44 -11.51 -22.28 -3.19
CA LEU A 44 -11.29 -23.25 -4.27
C LEU A 44 -10.53 -24.47 -3.75
N ASN A 45 -9.54 -24.23 -2.91
CA ASN A 45 -8.75 -25.32 -2.36
C ASN A 45 -9.63 -26.24 -1.54
N THR A 46 -10.51 -25.64 -0.75
CA THR A 46 -11.43 -26.40 0.08
C THR A 46 -12.32 -27.28 -0.80
N LEU A 47 -12.78 -26.70 -1.91
CA LEU A 47 -13.62 -27.44 -2.83
C LEU A 47 -12.83 -28.62 -3.43
N VAL A 48 -11.57 -28.35 -3.76
CA VAL A 48 -10.71 -29.37 -4.34
C VAL A 48 -10.52 -30.55 -3.40
N LYS A 49 -10.35 -30.26 -2.11
CA LYS A 49 -10.17 -31.31 -1.12
C LYS A 49 -11.37 -32.24 -1.09
N GLN A 50 -12.57 -31.65 -1.14
CA GLN A 50 -13.78 -32.45 -1.12
C GLN A 50 -13.84 -33.36 -2.35
N SER A 51 -13.44 -32.80 -3.49
CA SER A 51 -13.44 -33.56 -4.74
C SER A 51 -12.47 -34.75 -4.65
N GLY A 52 -11.32 -34.51 -4.02
CA GLY A 52 -10.31 -35.55 -3.86
C GLY A 52 -9.28 -35.49 -4.98
N LEU A 53 -8.18 -36.21 -4.81
CA LEU A 53 -7.12 -36.23 -5.81
C LEU A 53 -7.06 -37.60 -6.49
N VAL A 54 -7.17 -37.60 -7.82
CA VAL A 54 -7.12 -38.85 -8.58
C VAL A 54 -5.93 -39.69 -8.16
N GLY A 1 27.56 26.17 4.62
CA GLY A 1 26.20 26.77 4.73
C GLY A 1 25.26 25.78 5.39
N SER A 2 25.48 25.53 6.68
CA SER A 2 24.64 24.60 7.42
C SER A 2 23.20 25.09 7.46
N TRP A 3 23.02 26.40 7.52
CA TRP A 3 21.68 26.98 7.56
C TRP A 3 20.90 26.60 6.31
N ASN A 4 21.60 26.44 5.20
CA ASN A 4 20.96 26.07 3.94
C ASN A 4 20.27 24.71 4.08
N GLN A 5 20.95 23.77 4.73
CA GLN A 5 20.39 22.44 4.93
C GLN A 5 19.13 22.53 5.79
N LYS A 6 19.21 23.35 6.83
CA LYS A 6 18.07 23.50 7.74
C LYS A 6 16.85 24.05 7.00
N LEU A 7 17.06 25.07 6.18
CA LEU A 7 15.96 25.66 5.42
C LEU A 7 15.38 24.64 4.46
N ILE A 8 16.26 23.94 3.74
CA ILE A 8 15.85 22.93 2.77
C ILE A 8 15.08 21.80 3.44
N ALA A 9 15.56 21.38 4.59
CA ALA A 9 14.91 20.30 5.34
C ALA A 9 13.48 20.71 5.73
N ASN A 10 13.34 21.94 6.15
CA ASN A 10 12.01 22.42 6.56
C ASN A 10 11.01 22.32 5.39
N GLN A 11 11.45 22.75 4.22
CA GLN A 11 10.58 22.67 3.03
C GLN A 11 10.36 21.20 2.65
N PHE A 12 11.44 20.45 2.71
CA PHE A 12 11.50 19.02 2.37
C PHE A 12 10.70 18.15 3.33
N ASN A 13 10.61 18.55 4.58
CA ASN A 13 9.88 17.75 5.57
C ASN A 13 8.41 17.61 5.19
N SER A 14 7.82 18.67 4.69
CA SER A 14 6.41 18.64 4.31
C SER A 14 6.15 17.63 3.19
N ALA A 15 6.99 17.65 2.16
CA ALA A 15 6.81 16.72 1.04
C ALA A 15 6.97 15.27 1.50
N ILE A 16 8.00 15.01 2.30
CA ILE A 16 8.24 13.66 2.78
C ILE A 16 7.06 13.16 3.61
N GLY A 17 6.58 14.00 4.51
CA GLY A 17 5.48 13.63 5.37
C GLY A 17 4.21 13.30 4.56
N LYS A 18 3.91 14.13 3.58
CA LYS A 18 2.73 13.89 2.74
C LYS A 18 2.91 12.61 1.92
N ILE A 19 4.11 12.44 1.39
CA ILE A 19 4.40 11.26 0.58
C ILE A 19 4.24 9.98 1.40
N GLN A 20 4.80 9.97 2.60
CA GLN A 20 4.70 8.80 3.47
C GLN A 20 3.24 8.54 3.83
N ASP A 21 2.52 9.59 4.16
CA ASP A 21 1.12 9.44 4.53
C ASP A 21 0.33 8.84 3.35
N SER A 22 0.57 9.39 2.17
CA SER A 22 -0.15 8.92 0.98
C SER A 22 0.19 7.44 0.70
N LEU A 23 1.48 7.13 0.74
CA LEU A 23 1.95 5.77 0.49
C LEU A 23 1.49 4.83 1.61
N SER A 24 1.50 5.35 2.82
CA SER A 24 1.12 4.60 4.01
C SER A 24 -0.33 4.12 3.93
N SER A 25 -1.23 4.99 3.51
CA SER A 25 -2.64 4.59 3.41
C SER A 25 -2.79 3.46 2.39
N THR A 26 -2.16 3.63 1.25
CA THR A 26 -2.24 2.65 0.16
C THR A 26 -1.75 1.28 0.60
N ALA A 27 -0.67 1.23 1.38
CA ALA A 27 -0.15 -0.07 1.78
C ALA A 27 -1.22 -0.86 2.52
N SER A 28 -1.95 -0.19 3.43
CA SER A 28 -3.00 -0.87 4.17
C SER A 28 -4.07 -1.36 3.20
N ALA A 29 -4.39 -0.51 2.22
CA ALA A 29 -5.40 -0.87 1.25
C ALA A 29 -4.97 -2.12 0.48
N LEU A 30 -3.70 -2.17 0.10
CA LEU A 30 -3.17 -3.32 -0.63
C LEU A 30 -3.20 -4.57 0.25
N GLY A 31 -2.91 -4.39 1.53
CA GLY A 31 -2.92 -5.50 2.46
C GLY A 31 -4.31 -6.10 2.56
N LYS A 32 -5.32 -5.24 2.61
CA LYS A 32 -6.70 -5.71 2.68
C LYS A 32 -7.03 -6.49 1.41
N LEU A 33 -6.57 -5.97 0.28
CA LEU A 33 -6.79 -6.59 -1.02
C LEU A 33 -6.15 -7.97 -1.07
N GLN A 34 -4.98 -8.11 -0.47
CA GLN A 34 -4.30 -9.39 -0.46
C GLN A 34 -5.15 -10.43 0.24
N ASP A 35 -5.76 -10.03 1.36
CA ASP A 35 -6.60 -10.94 2.12
C ASP A 35 -7.78 -11.46 1.29
N VAL A 36 -8.44 -10.58 0.55
CA VAL A 36 -9.59 -10.98 -0.26
C VAL A 36 -9.22 -12.04 -1.30
N VAL A 37 -7.95 -12.07 -1.71
CA VAL A 37 -7.45 -13.07 -2.64
C VAL A 37 -7.35 -14.42 -1.93
N ASN A 38 -6.92 -14.33 -0.67
CA ASN A 38 -6.75 -15.53 0.13
C ASN A 38 -8.06 -16.29 0.29
N GLN A 39 -9.12 -15.58 0.66
CA GLN A 39 -10.42 -16.26 0.80
C GLN A 39 -10.83 -16.78 -0.57
N ASN A 40 -10.63 -15.89 -1.53
CA ASN A 40 -10.94 -16.10 -2.94
C ASN A 40 -10.07 -17.16 -3.60
N ALA A 41 -9.01 -17.61 -2.94
CA ALA A 41 -8.07 -18.55 -3.55
C ALA A 41 -8.79 -19.74 -4.20
N GLN A 42 -9.81 -20.31 -3.57
CA GLN A 42 -10.53 -21.41 -4.19
C GLN A 42 -11.16 -20.92 -5.49
N ALA A 43 -11.68 -19.70 -5.42
CA ALA A 43 -12.30 -19.05 -6.57
C ALA A 43 -11.28 -18.80 -7.67
N LEU A 44 -10.08 -18.41 -7.26
CA LEU A 44 -9.00 -18.11 -8.20
C LEU A 44 -8.63 -19.31 -9.05
N ASN A 45 -8.52 -20.48 -8.42
CA ASN A 45 -8.14 -21.68 -9.15
C ASN A 45 -9.18 -22.01 -10.23
N THR A 46 -10.46 -21.95 -9.86
CA THR A 46 -11.54 -22.24 -10.80
C THR A 46 -11.51 -21.25 -11.97
N LEU A 47 -11.25 -19.98 -11.66
CA LEU A 47 -11.20 -18.95 -12.69
C LEU A 47 -10.05 -19.21 -13.67
N VAL A 48 -8.92 -19.63 -13.14
CA VAL A 48 -7.77 -19.94 -13.98
C VAL A 48 -8.08 -21.10 -14.91
N LYS A 49 -8.69 -22.13 -14.34
CA LYS A 49 -9.04 -23.32 -15.13
C LYS A 49 -10.03 -22.96 -16.22
N GLN A 50 -11.00 -22.11 -15.90
CA GLN A 50 -12.00 -21.70 -16.87
C GLN A 50 -11.35 -20.97 -18.04
N SER A 51 -10.40 -20.09 -17.74
CA SER A 51 -9.71 -19.34 -18.78
C SER A 51 -8.89 -20.28 -19.66
N GLY A 52 -8.30 -21.30 -19.02
CA GLY A 52 -7.49 -22.27 -19.74
C GLY A 52 -8.35 -23.41 -20.27
N LEU A 53 -7.69 -24.41 -20.86
CA LEU A 53 -8.41 -25.56 -21.41
C LEU A 53 -9.14 -26.30 -20.30
N VAL A 54 -8.51 -26.42 -19.15
CA VAL A 54 -9.11 -27.12 -18.01
C VAL A 54 -8.58 -26.57 -16.70
N GLY A 1 19.78 34.12 5.54
CA GLY A 1 19.59 32.65 5.40
C GLY A 1 20.95 31.95 5.40
N SER A 2 21.68 32.10 6.51
CA SER A 2 23.00 31.49 6.63
C SER A 2 22.89 29.97 6.56
N TRP A 3 21.86 29.43 7.21
CA TRP A 3 21.66 27.99 7.22
C TRP A 3 20.95 27.56 5.94
N ASN A 4 21.44 26.49 5.31
CA ASN A 4 20.84 26.01 4.07
C ASN A 4 20.19 24.64 4.27
N GLN A 5 20.89 23.75 4.97
CA GLN A 5 20.36 22.41 5.21
C GLN A 5 19.08 22.49 6.04
N LYS A 6 19.11 23.35 7.05
CA LYS A 6 17.94 23.50 7.92
C LYS A 6 16.74 24.00 7.13
N LEU A 7 16.96 24.98 6.26
CA LEU A 7 15.87 25.51 5.46
C LEU A 7 15.32 24.43 4.52
N ILE A 8 16.24 23.69 3.90
CA ILE A 8 15.86 22.63 2.97
C ILE A 8 15.05 21.53 3.65
N ALA A 9 15.47 21.16 4.85
CA ALA A 9 14.76 20.12 5.61
C ALA A 9 13.33 20.56 5.92
N ASN A 10 13.18 21.81 6.26
CA ASN A 10 11.86 22.33 6.59
C ASN A 10 10.90 22.21 5.39
N GLN A 11 11.37 22.63 4.23
CA GLN A 11 10.56 22.53 3.01
C GLN A 11 10.33 21.06 2.62
N PHE A 12 11.40 20.31 2.69
CA PHE A 12 11.43 18.88 2.34
C PHE A 12 10.64 18.00 3.29
N ASN A 13 10.56 18.41 4.55
CA ASN A 13 9.84 17.61 5.54
C ASN A 13 8.37 17.48 5.16
N SER A 14 7.77 18.56 4.68
CA SER A 14 6.36 18.54 4.30
C SER A 14 6.11 17.54 3.17
N ALA A 15 6.96 17.58 2.15
CA ALA A 15 6.79 16.67 1.02
C ALA A 15 6.92 15.22 1.48
N ILE A 16 7.93 14.95 2.30
CA ILE A 16 8.16 13.61 2.81
C ILE A 16 6.96 13.12 3.60
N GLY A 17 6.47 13.97 4.49
CA GLY A 17 5.33 13.60 5.32
C GLY A 17 4.10 13.28 4.49
N LYS A 18 3.82 14.11 3.49
CA LYS A 18 2.66 13.86 2.62
C LYS A 18 2.86 12.58 1.82
N ILE A 19 4.06 12.40 1.32
CA ILE A 19 4.38 11.21 0.52
C ILE A 19 4.18 9.94 1.37
N GLN A 20 4.71 9.95 2.58
CA GLN A 20 4.58 8.80 3.45
C GLN A 20 3.10 8.54 3.78
N ASP A 21 2.40 9.62 4.08
CA ASP A 21 0.97 9.47 4.41
C ASP A 21 0.22 8.86 3.23
N SER A 22 0.53 9.35 2.04
CA SER A 22 -0.13 8.86 0.83
C SER A 22 0.20 7.36 0.63
N LEU A 23 1.46 7.04 0.76
CA LEU A 23 1.94 5.66 0.62
C LEU A 23 1.38 4.75 1.71
N SER A 24 1.32 5.31 2.92
CA SER A 24 0.85 4.55 4.08
C SER A 24 -0.59 4.11 3.91
N SER A 25 -1.45 4.98 3.38
CA SER A 25 -2.84 4.61 3.18
C SER A 25 -2.92 3.45 2.19
N THR A 26 -2.20 3.60 1.08
CA THR A 26 -2.21 2.60 0.02
C THR A 26 -1.74 1.23 0.51
N ALA A 27 -0.70 1.20 1.34
CA ALA A 27 -0.20 -0.10 1.80
C ALA A 27 -1.30 -0.87 2.52
N SER A 28 -2.04 -0.19 3.40
CA SER A 28 -3.12 -0.85 4.12
C SER A 28 -4.16 -1.34 3.13
N ALA A 29 -4.46 -0.50 2.15
CA ALA A 29 -5.45 -0.86 1.15
C ALA A 29 -5.01 -2.12 0.40
N LEU A 30 -3.74 -2.17 0.04
CA LEU A 30 -3.19 -3.33 -0.68
C LEU A 30 -3.24 -4.57 0.20
N GLY A 31 -2.95 -4.40 1.49
CA GLY A 31 -2.97 -5.52 2.42
C GLY A 31 -4.37 -6.11 2.52
N LYS A 32 -5.37 -5.23 2.58
CA LYS A 32 -6.75 -5.69 2.65
C LYS A 32 -7.10 -6.46 1.38
N LEU A 33 -6.67 -5.91 0.25
CA LEU A 33 -6.93 -6.53 -1.05
C LEU A 33 -6.27 -7.90 -1.15
N GLN A 34 -5.07 -8.02 -0.59
CA GLN A 34 -4.36 -9.30 -0.60
C GLN A 34 -5.11 -10.34 0.22
N ASP A 35 -5.60 -9.91 1.38
CA ASP A 35 -6.31 -10.81 2.28
C ASP A 35 -7.57 -11.38 1.62
N VAL A 36 -8.32 -10.52 0.92
CA VAL A 36 -9.54 -11.00 0.29
C VAL A 36 -9.21 -12.11 -0.69
N VAL A 37 -8.27 -11.85 -1.60
CA VAL A 37 -7.86 -12.81 -2.62
C VAL A 37 -7.41 -14.13 -1.98
N ASN A 38 -6.73 -14.03 -0.85
CA ASN A 38 -6.30 -15.26 -0.18
C ASN A 38 -7.52 -16.11 0.14
N GLN A 39 -8.55 -15.46 0.65
CA GLN A 39 -9.79 -16.18 0.99
C GLN A 39 -10.36 -16.84 -0.28
N ASN A 40 -10.37 -16.13 -1.39
CA ASN A 40 -10.92 -16.73 -2.61
C ASN A 40 -10.11 -17.96 -3.02
N ALA A 41 -8.80 -17.84 -2.94
CA ALA A 41 -7.91 -18.95 -3.29
C ALA A 41 -8.10 -20.11 -2.31
N GLN A 42 -8.25 -19.75 -1.04
CA GLN A 42 -8.43 -20.73 0.03
C GLN A 42 -9.75 -21.48 -0.14
N ALA A 43 -10.79 -20.77 -0.55
CA ALA A 43 -12.10 -21.40 -0.73
C ALA A 43 -12.05 -22.50 -1.78
N LEU A 44 -11.37 -22.23 -2.90
CA LEU A 44 -11.25 -23.22 -3.96
C LEU A 44 -10.47 -24.43 -3.48
N ASN A 45 -9.37 -24.17 -2.77
CA ASN A 45 -8.54 -25.25 -2.26
C ASN A 45 -9.34 -26.10 -1.27
N THR A 46 -10.10 -25.42 -0.42
CA THR A 46 -10.92 -26.11 0.56
C THR A 46 -11.94 -27.00 -0.14
N LEU A 47 -12.52 -26.47 -1.20
CA LEU A 47 -13.50 -27.24 -1.97
C LEU A 47 -12.84 -28.48 -2.56
N VAL A 48 -11.63 -28.28 -3.11
CA VAL A 48 -10.87 -29.37 -3.71
C VAL A 48 -10.54 -30.43 -2.66
N LYS A 49 -10.18 -29.98 -1.47
CA LYS A 49 -9.84 -30.90 -0.38
C LYS A 49 -11.04 -31.78 -0.03
N GLN A 50 -12.21 -31.18 0.04
CA GLN A 50 -13.42 -31.93 0.36
C GLN A 50 -13.69 -32.97 -0.72
N SER A 51 -13.52 -32.57 -1.97
CA SER A 51 -13.73 -33.47 -3.09
C SER A 51 -12.83 -33.09 -4.27
N GLY A 52 -11.70 -33.77 -4.39
CA GLY A 52 -10.77 -33.50 -5.48
C GLY A 52 -9.60 -34.48 -5.48
N LEU A 53 -8.73 -34.36 -6.45
CA LEU A 53 -7.57 -35.25 -6.56
C LEU A 53 -6.66 -35.08 -5.35
N VAL A 54 -6.49 -33.84 -4.92
CA VAL A 54 -5.63 -33.55 -3.77
C VAL A 54 -6.12 -32.30 -3.04
N GLY A 1 8.88 35.67 13.31
CA GLY A 1 8.38 35.62 11.90
C GLY A 1 8.92 34.36 11.22
N SER A 2 8.86 34.34 9.89
CA SER A 2 9.35 33.19 9.14
C SER A 2 10.35 33.63 8.07
N TRP A 3 11.31 32.77 7.78
CA TRP A 3 12.34 33.07 6.79
C TRP A 3 12.29 32.04 5.67
N ASN A 4 12.64 32.47 4.46
CA ASN A 4 12.64 31.56 3.31
C ASN A 4 13.52 30.35 3.58
N GLN A 5 14.66 30.59 4.23
CA GLN A 5 15.58 29.50 4.55
C GLN A 5 14.92 28.51 5.49
N LYS A 6 14.16 29.03 6.45
CA LYS A 6 13.44 28.18 7.39
C LYS A 6 12.40 27.36 6.65
N LEU A 7 11.73 28.01 5.71
CA LEU A 7 10.69 27.36 4.92
C LEU A 7 11.25 26.19 4.12
N ILE A 8 12.42 26.38 3.53
CA ILE A 8 13.03 25.32 2.72
C ILE A 8 13.26 24.06 3.55
N ALA A 9 13.81 24.23 4.75
CA ALA A 9 14.06 23.07 5.60
C ALA A 9 12.75 22.34 5.89
N ASN A 10 11.71 23.10 6.17
CA ASN A 10 10.38 22.55 6.42
C ASN A 10 9.82 21.94 5.14
N GLN A 11 10.20 22.55 4.03
CA GLN A 11 9.69 22.12 2.73
C GLN A 11 10.04 20.65 2.46
N PHE A 12 11.28 20.26 2.73
CA PHE A 12 11.68 18.87 2.51
C PHE A 12 10.86 17.94 3.42
N ASN A 13 10.71 18.35 4.67
CA ASN A 13 9.97 17.55 5.63
C ASN A 13 8.49 17.42 5.24
N SER A 14 7.90 18.51 4.77
CA SER A 14 6.50 18.50 4.37
C SER A 14 6.25 17.52 3.24
N ALA A 15 7.10 17.54 2.23
CA ALA A 15 6.94 16.64 1.10
C ALA A 15 7.06 15.18 1.55
N ILE A 16 8.06 14.92 2.39
CA ILE A 16 8.28 13.56 2.88
C ILE A 16 7.06 13.09 3.68
N GLY A 17 6.58 13.95 4.56
CA GLY A 17 5.43 13.58 5.40
C GLY A 17 4.20 13.27 4.56
N LYS A 18 3.93 14.09 3.55
CA LYS A 18 2.79 13.86 2.67
C LYS A 18 2.97 12.57 1.87
N ILE A 19 4.18 12.39 1.37
CA ILE A 19 4.49 11.19 0.58
C ILE A 19 4.28 9.93 1.41
N GLN A 20 4.80 9.93 2.64
CA GLN A 20 4.66 8.77 3.51
C GLN A 20 3.19 8.53 3.83
N ASP A 21 2.48 9.60 4.13
CA ASP A 21 1.06 9.48 4.45
C ASP A 21 0.31 8.87 3.26
N SER A 22 0.62 9.37 2.08
CA SER A 22 -0.04 8.86 0.86
C SER A 22 0.28 7.38 0.67
N LEU A 23 1.56 7.04 0.80
CA LEU A 23 2.02 5.66 0.64
C LEU A 23 1.45 4.76 1.74
N SER A 24 1.38 5.32 2.95
CA SER A 24 0.90 4.59 4.12
C SER A 24 -0.55 4.14 3.93
N SER A 25 -1.40 5.01 3.40
CA SER A 25 -2.79 4.63 3.20
C SER A 25 -2.86 3.48 2.19
N THR A 26 -2.14 3.63 1.10
CA THR A 26 -2.15 2.63 0.03
C THR A 26 -1.69 1.26 0.52
N ALA A 27 -0.65 1.21 1.35
CA ALA A 27 -0.17 -0.09 1.82
C ALA A 27 -1.28 -0.85 2.54
N SER A 28 -2.02 -0.17 3.41
CA SER A 28 -3.10 -0.83 4.13
C SER A 28 -4.15 -1.30 3.13
N ALA A 29 -4.43 -0.46 2.16
CA ALA A 29 -5.41 -0.81 1.15
C ALA A 29 -4.99 -2.07 0.39
N LEU A 30 -3.71 -2.14 0.04
CA LEU A 30 -3.16 -3.28 -0.67
C LEU A 30 -3.23 -4.54 0.21
N GLY A 31 -2.93 -4.36 1.48
CA GLY A 31 -2.97 -5.49 2.41
C GLY A 31 -4.38 -6.07 2.52
N LYS A 32 -5.37 -5.19 2.58
CA LYS A 32 -6.75 -5.64 2.65
C LYS A 32 -7.10 -6.40 1.37
N LEU A 33 -6.65 -5.85 0.24
CA LEU A 33 -6.89 -6.46 -1.06
C LEU A 33 -6.26 -7.84 -1.16
N GLN A 34 -5.06 -7.98 -0.60
CA GLN A 34 -4.36 -9.26 -0.61
C GLN A 34 -5.13 -10.29 0.21
N ASP A 35 -5.62 -9.86 1.37
CA ASP A 35 -6.35 -10.76 2.27
C ASP A 35 -7.61 -11.31 1.60
N VAL A 36 -8.34 -10.45 0.90
CA VAL A 36 -9.57 -10.91 0.26
C VAL A 36 -9.23 -12.01 -0.74
N VAL A 37 -8.25 -11.76 -1.60
CA VAL A 37 -7.84 -12.71 -2.63
C VAL A 37 -7.42 -14.04 -1.99
N ASN A 38 -6.77 -13.97 -0.84
CA ASN A 38 -6.36 -15.22 -0.19
C ASN A 38 -7.59 -16.09 0.11
N GLN A 39 -8.61 -15.47 0.70
CA GLN A 39 -9.84 -16.22 1.00
C GLN A 39 -10.46 -16.70 -0.32
N ASN A 40 -10.44 -15.75 -1.21
CA ASN A 40 -10.97 -15.91 -2.57
C ASN A 40 -10.16 -16.85 -3.45
N ALA A 41 -8.99 -17.28 -2.98
CA ALA A 41 -8.12 -18.12 -3.81
C ALA A 41 -8.87 -19.29 -4.43
N GLN A 42 -9.76 -19.95 -3.70
CA GLN A 42 -10.51 -21.06 -4.29
C GLN A 42 -11.35 -20.52 -5.45
N ALA A 43 -11.91 -19.34 -5.22
CA ALA A 43 -12.73 -18.67 -6.23
C ALA A 43 -11.88 -18.33 -7.45
N LEU A 44 -10.66 -17.91 -7.20
CA LEU A 44 -9.73 -17.53 -8.26
C LEU A 44 -9.45 -18.71 -9.18
N ASN A 45 -9.25 -19.89 -8.60
CA ASN A 45 -8.96 -21.07 -9.41
C ASN A 45 -10.12 -21.37 -10.34
N THR A 46 -11.34 -21.27 -9.82
CA THR A 46 -12.53 -21.54 -10.61
C THR A 46 -12.63 -20.56 -11.79
N LEU A 47 -12.30 -19.29 -11.53
CA LEU A 47 -12.37 -18.27 -12.56
C LEU A 47 -11.39 -18.54 -13.70
N VAL A 48 -10.15 -18.89 -13.35
CA VAL A 48 -9.15 -19.19 -14.38
C VAL A 48 -9.51 -20.47 -15.12
N LYS A 49 -10.00 -21.46 -14.38
CA LYS A 49 -10.39 -22.73 -14.99
C LYS A 49 -11.51 -22.52 -16.01
N GLN A 50 -12.47 -21.68 -15.66
CA GLN A 50 -13.58 -21.40 -16.56
C GLN A 50 -13.09 -20.77 -17.86
N SER A 51 -12.15 -19.84 -17.75
CA SER A 51 -11.62 -19.17 -18.93
C SER A 51 -10.87 -20.18 -19.81
N GLY A 52 -10.19 -21.12 -19.18
CA GLY A 52 -9.45 -22.14 -19.90
C GLY A 52 -9.06 -23.29 -18.98
N LEU A 53 -8.71 -24.44 -19.57
CA LEU A 53 -8.32 -25.61 -18.78
C LEU A 53 -7.10 -25.30 -17.94
N VAL A 54 -6.11 -24.66 -18.55
CA VAL A 54 -4.87 -24.31 -17.84
C VAL A 54 -4.19 -23.12 -18.49
N GLY A 1 12.28 32.28 7.24
CA GLY A 1 13.42 31.92 6.34
C GLY A 1 13.65 33.05 5.34
N SER A 2 14.63 33.89 5.62
CA SER A 2 14.96 35.01 4.75
C SER A 2 15.43 34.50 3.38
N TRP A 3 15.92 33.27 3.35
CA TRP A 3 16.41 32.70 2.10
C TRP A 3 15.48 31.59 1.61
N ASN A 4 15.25 31.55 0.31
CA ASN A 4 14.38 30.53 -0.27
C ASN A 4 14.94 29.14 -0.05
N GLN A 5 16.25 28.99 -0.20
CA GLN A 5 16.90 27.70 -0.01
C GLN A 5 16.70 27.22 1.42
N LYS A 6 16.79 28.15 2.36
CA LYS A 6 16.58 27.83 3.76
C LYS A 6 15.16 27.31 3.96
N LEU A 7 14.22 27.98 3.31
CA LEU A 7 12.80 27.59 3.38
C LEU A 7 12.57 26.23 2.73
N ILE A 8 13.24 25.98 1.62
CA ILE A 8 13.08 24.72 0.89
C ILE A 8 13.43 23.51 1.74
N ALA A 9 14.51 23.61 2.51
CA ALA A 9 14.90 22.47 3.35
C ALA A 9 13.81 22.16 4.39
N ASN A 10 13.26 23.22 4.98
CA ASN A 10 12.19 23.04 5.95
C ASN A 10 10.96 22.45 5.23
N GLN A 11 10.73 22.98 4.06
CA GLN A 11 9.62 22.54 3.21
C GLN A 11 9.78 21.09 2.76
N PHE A 12 11.03 20.69 2.51
CA PHE A 12 11.31 19.34 2.01
C PHE A 12 10.75 18.29 2.95
N ASN A 13 10.82 18.57 4.25
CA ASN A 13 10.30 17.64 5.23
C ASN A 13 8.79 17.46 5.05
N SER A 14 8.10 18.55 4.75
CA SER A 14 6.65 18.51 4.56
C SER A 14 6.30 17.58 3.41
N ALA A 15 7.05 17.67 2.32
CA ALA A 15 6.80 16.80 1.17
C ALA A 15 6.96 15.34 1.57
N ILE A 16 8.02 15.06 2.33
CA ILE A 16 8.29 13.70 2.77
C ILE A 16 7.12 13.18 3.60
N GLY A 17 6.65 14.00 4.53
CA GLY A 17 5.55 13.60 5.39
C GLY A 17 4.29 13.28 4.58
N LYS A 18 3.97 14.13 3.61
CA LYS A 18 2.81 13.90 2.77
C LYS A 18 2.96 12.63 1.94
N ILE A 19 4.16 12.47 1.38
CA ILE A 19 4.44 11.29 0.55
C ILE A 19 4.28 10.00 1.36
N GLN A 20 4.86 9.99 2.56
CA GLN A 20 4.77 8.80 3.40
C GLN A 20 3.32 8.52 3.76
N ASP A 21 2.59 9.57 4.11
CA ASP A 21 1.19 9.41 4.47
C ASP A 21 0.38 8.84 3.29
N SER A 22 0.63 9.39 2.11
CA SER A 22 -0.08 8.93 0.92
C SER A 22 0.23 7.46 0.65
N LEU A 23 1.52 7.14 0.69
CA LEU A 23 1.98 5.77 0.46
C LEU A 23 1.48 4.85 1.58
N SER A 24 1.46 5.40 2.78
CA SER A 24 1.04 4.66 3.97
C SER A 24 -0.40 4.16 3.86
N SER A 25 -1.31 5.02 3.41
CA SER A 25 -2.70 4.61 3.30
C SER A 25 -2.85 3.48 2.29
N THR A 26 -2.19 3.64 1.13
CA THR A 26 -2.31 2.64 0.07
C THR A 26 -1.82 1.28 0.53
N ALA A 27 -0.75 1.24 1.33
CA ALA A 27 -0.24 -0.05 1.77
C ALA A 27 -1.33 -0.83 2.50
N SER A 28 -2.07 -0.17 3.38
CA SER A 28 -3.14 -0.86 4.11
C SER A 28 -4.19 -1.35 3.11
N ALA A 29 -4.47 -0.51 2.13
CA ALA A 29 -5.48 -0.87 1.13
C ALA A 29 -5.04 -2.14 0.40
N LEU A 30 -3.77 -2.21 0.03
CA LEU A 30 -3.24 -3.39 -0.65
C LEU A 30 -3.30 -4.60 0.26
N GLY A 31 -3.05 -4.38 1.55
CA GLY A 31 -3.08 -5.48 2.51
C GLY A 31 -4.49 -6.08 2.57
N LYS A 32 -5.49 -5.22 2.55
CA LYS A 32 -6.87 -5.69 2.58
C LYS A 32 -7.13 -6.52 1.32
N LEU A 33 -6.62 -6.03 0.20
CA LEU A 33 -6.78 -6.69 -1.09
C LEU A 33 -6.15 -8.08 -1.05
N GLN A 34 -4.99 -8.20 -0.40
CA GLN A 34 -4.31 -9.49 -0.31
C GLN A 34 -5.19 -10.49 0.42
N ASP A 35 -5.84 -10.05 1.48
CA ASP A 35 -6.70 -10.93 2.26
C ASP A 35 -7.81 -11.47 1.37
N VAL A 36 -8.38 -10.60 0.54
CA VAL A 36 -9.47 -10.96 -0.35
C VAL A 36 -9.08 -12.10 -1.30
N VAL A 37 -7.82 -12.16 -1.72
CA VAL A 37 -7.33 -13.23 -2.58
C VAL A 37 -7.24 -14.53 -1.79
N ASN A 38 -6.83 -14.39 -0.55
CA ASN A 38 -6.68 -15.56 0.29
C ASN A 38 -8.01 -16.30 0.42
N GLN A 39 -9.08 -15.54 0.63
CA GLN A 39 -10.39 -16.18 0.75
C GLN A 39 -10.72 -16.94 -0.54
N ASN A 40 -10.55 -16.32 -1.70
CA ASN A 40 -10.89 -17.02 -2.94
C ASN A 40 -10.03 -18.27 -3.14
N ALA A 41 -8.72 -18.13 -2.96
CA ALA A 41 -7.80 -19.26 -3.13
C ALA A 41 -8.07 -20.35 -2.10
N GLN A 42 -8.35 -19.93 -0.88
CA GLN A 42 -8.63 -20.85 0.20
C GLN A 42 -9.90 -21.64 -0.08
N ALA A 43 -10.90 -20.95 -0.61
CA ALA A 43 -12.18 -21.61 -0.92
C ALA A 43 -11.97 -22.71 -1.94
N LEU A 44 -11.18 -22.41 -2.99
CA LEU A 44 -10.91 -23.40 -4.03
C LEU A 44 -10.14 -24.59 -3.47
N ASN A 45 -9.15 -24.30 -2.62
CA ASN A 45 -8.34 -25.35 -2.01
C ASN A 45 -9.22 -26.25 -1.17
N THR A 46 -10.11 -25.65 -0.40
CA THR A 46 -11.00 -26.39 0.46
C THR A 46 -11.91 -27.30 -0.38
N LEU A 47 -12.37 -26.77 -1.51
CA LEU A 47 -13.26 -27.54 -2.39
C LEU A 47 -12.55 -28.78 -2.94
N VAL A 48 -11.33 -28.60 -3.47
CA VAL A 48 -10.59 -29.71 -4.05
C VAL A 48 -10.22 -30.77 -3.00
N LYS A 49 -9.91 -30.32 -1.78
CA LYS A 49 -9.55 -31.26 -0.71
C LYS A 49 -10.73 -32.15 -0.38
N GLN A 50 -11.93 -31.57 -0.35
CA GLN A 50 -13.13 -32.34 -0.04
C GLN A 50 -13.36 -33.43 -1.09
N SER A 51 -13.14 -33.07 -2.35
CA SER A 51 -13.32 -34.02 -3.43
C SER A 51 -12.82 -33.44 -4.75
N GLY A 52 -11.59 -33.78 -5.12
CA GLY A 52 -11.01 -33.28 -6.36
C GLY A 52 -9.64 -33.91 -6.62
N LEU A 53 -9.06 -33.60 -7.77
CA LEU A 53 -7.75 -34.14 -8.13
C LEU A 53 -7.08 -33.26 -9.18
N VAL A 54 -5.78 -33.41 -9.32
CA VAL A 54 -5.03 -32.61 -10.29
C VAL A 54 -5.61 -32.79 -11.69
N GLY A 1 10.60 33.32 14.22
CA GLY A 1 11.02 32.72 15.52
C GLY A 1 11.41 31.26 15.30
N SER A 2 12.27 31.02 14.34
CA SER A 2 12.72 29.67 14.03
C SER A 2 14.10 29.68 13.38
N TRP A 3 14.76 28.53 13.38
CA TRP A 3 16.09 28.43 12.78
C TRP A 3 15.99 28.46 11.27
N ASN A 4 16.91 29.17 10.63
CA ASN A 4 16.91 29.28 9.17
C ASN A 4 17.09 27.90 8.54
N GLN A 5 18.01 27.11 9.11
CA GLN A 5 18.25 25.77 8.59
C GLN A 5 17.03 24.88 8.77
N LYS A 6 16.33 25.04 9.89
CA LYS A 6 15.15 24.25 10.18
C LYS A 6 14.06 24.49 9.15
N LEU A 7 13.88 25.74 8.76
CA LEU A 7 12.85 26.09 7.78
C LEU A 7 13.13 25.40 6.45
N ILE A 8 14.38 25.40 6.04
CA ILE A 8 14.75 24.76 4.78
C ILE A 8 14.42 23.26 4.85
N ALA A 9 14.78 22.64 5.97
CA ALA A 9 14.51 21.22 6.17
C ALA A 9 13.00 20.97 6.16
N ASN A 10 12.29 21.86 6.82
CA ASN A 10 10.82 21.74 6.93
C ASN A 10 10.13 21.76 5.56
N GLN A 11 10.65 22.60 4.70
CA GLN A 11 10.02 22.70 3.38
C GLN A 11 10.04 21.32 2.68
N PHE A 12 11.22 20.70 2.66
CA PHE A 12 11.41 19.37 2.09
C PHE A 12 10.76 18.29 2.97
N ASN A 13 10.84 18.53 4.27
CA ASN A 13 10.29 17.58 5.25
C ASN A 13 8.80 17.42 5.07
N SER A 14 8.12 18.53 4.78
CA SER A 14 6.67 18.50 4.59
C SER A 14 6.31 17.56 3.44
N ALA A 15 7.08 17.65 2.36
CA ALA A 15 6.82 16.79 1.20
C ALA A 15 6.98 15.34 1.60
N ILE A 16 8.04 15.06 2.36
CA ILE A 16 8.31 13.69 2.80
C ILE A 16 7.15 13.17 3.63
N GLY A 17 6.67 13.99 4.56
CA GLY A 17 5.57 13.59 5.42
C GLY A 17 4.31 13.28 4.61
N LYS A 18 4.00 14.13 3.63
CA LYS A 18 2.82 13.90 2.79
C LYS A 18 2.99 12.62 1.97
N ILE A 19 4.18 12.45 1.40
CA ILE A 19 4.45 11.29 0.57
C ILE A 19 4.30 10.00 1.38
N GLN A 20 4.88 9.98 2.57
CA GLN A 20 4.78 8.79 3.42
C GLN A 20 3.33 8.51 3.79
N ASP A 21 2.61 9.57 4.13
CA ASP A 21 1.21 9.40 4.50
C ASP A 21 0.40 8.83 3.32
N SER A 22 0.66 9.39 2.13
CA SER A 22 -0.07 8.94 0.94
C SER A 22 0.24 7.46 0.67
N LEU A 23 1.53 7.13 0.71
CA LEU A 23 2.01 5.78 0.49
C LEU A 23 1.49 4.84 1.59
N SER A 24 1.48 5.39 2.79
CA SER A 24 1.06 4.65 3.98
C SER A 24 -0.38 4.16 3.87
N SER A 25 -1.30 5.02 3.42
CA SER A 25 -2.69 4.61 3.31
C SER A 25 -2.84 3.48 2.29
N THR A 26 -2.18 3.64 1.15
CA THR A 26 -2.27 2.66 0.08
C THR A 26 -1.80 1.28 0.54
N ALA A 27 -0.74 1.23 1.33
CA ALA A 27 -0.23 -0.06 1.76
C ALA A 27 -1.32 -0.84 2.49
N SER A 28 -2.06 -0.17 3.38
CA SER A 28 -3.14 -0.84 4.11
C SER A 28 -4.18 -1.34 3.11
N ALA A 29 -4.48 -0.49 2.13
CA ALA A 29 -5.48 -0.86 1.14
C ALA A 29 -5.05 -2.13 0.40
N LEU A 30 -3.77 -2.19 0.04
CA LEU A 30 -3.22 -3.36 -0.65
C LEU A 30 -3.29 -4.59 0.26
N GLY A 31 -3.04 -4.37 1.54
CA GLY A 31 -3.09 -5.47 2.51
C GLY A 31 -4.49 -6.08 2.56
N LYS A 32 -5.49 -5.22 2.55
CA LYS A 32 -6.87 -5.69 2.58
C LYS A 32 -7.14 -6.52 1.32
N LEU A 33 -6.62 -6.02 0.20
CA LEU A 33 -6.79 -6.68 -1.09
C LEU A 33 -6.15 -8.07 -1.06
N GLN A 34 -5.00 -8.19 -0.41
CA GLN A 34 -4.32 -9.47 -0.33
C GLN A 34 -5.20 -10.49 0.40
N ASP A 35 -5.84 -10.04 1.48
CA ASP A 35 -6.70 -10.93 2.24
C ASP A 35 -7.81 -11.46 1.34
N VAL A 36 -8.38 -10.58 0.54
CA VAL A 36 -9.47 -10.95 -0.35
C VAL A 36 -9.09 -12.07 -1.31
N VAL A 37 -7.82 -12.12 -1.73
CA VAL A 37 -7.33 -13.19 -2.59
C VAL A 37 -7.25 -14.50 -1.81
N ASN A 38 -6.86 -14.36 -0.56
CA ASN A 38 -6.71 -15.54 0.30
C ASN A 38 -8.04 -16.31 0.41
N GLN A 39 -9.12 -15.60 0.72
CA GLN A 39 -10.41 -16.28 0.83
C GLN A 39 -10.77 -16.82 -0.56
N ASN A 40 -10.54 -15.93 -1.51
CA ASN A 40 -10.79 -16.14 -2.94
C ASN A 40 -9.93 -17.25 -3.54
N ALA A 41 -8.92 -17.70 -2.81
CA ALA A 41 -7.97 -18.69 -3.35
C ALA A 41 -8.67 -19.90 -3.96
N GLN A 42 -9.73 -20.42 -3.34
CA GLN A 42 -10.41 -21.57 -3.93
C GLN A 42 -10.98 -21.16 -5.30
N ALA A 43 -11.50 -19.95 -5.34
CA ALA A 43 -12.03 -19.38 -6.57
C ALA A 43 -10.91 -19.18 -7.59
N LEU A 44 -9.76 -18.77 -7.09
CA LEU A 44 -8.60 -18.49 -7.92
C LEU A 44 -8.14 -19.74 -8.66
N ASN A 45 -8.06 -20.87 -7.96
CA ASN A 45 -7.62 -22.10 -8.61
C ASN A 45 -8.59 -22.51 -9.71
N THR A 46 -9.89 -22.38 -9.43
CA THR A 46 -10.91 -22.73 -10.41
C THR A 46 -10.79 -21.84 -11.64
N LEU A 47 -10.53 -20.56 -11.43
CA LEU A 47 -10.41 -19.60 -12.54
C LEU A 47 -9.25 -19.95 -13.46
N VAL A 48 -8.10 -20.26 -12.87
CA VAL A 48 -6.93 -20.64 -13.67
C VAL A 48 -7.16 -22.00 -14.33
N LYS A 49 -7.80 -22.89 -13.58
CA LYS A 49 -8.06 -24.23 -14.09
C LYS A 49 -8.93 -24.19 -15.35
N GLN A 50 -9.96 -23.35 -15.34
CA GLN A 50 -10.84 -23.25 -16.50
C GLN A 50 -10.08 -22.75 -17.73
N SER A 51 -9.20 -21.77 -17.52
CA SER A 51 -8.42 -21.23 -18.64
C SER A 51 -7.49 -22.31 -19.19
N GLY A 52 -6.96 -23.14 -18.29
CA GLY A 52 -6.05 -24.20 -18.70
C GLY A 52 -5.90 -25.24 -17.59
N LEU A 53 -5.47 -26.44 -17.96
CA LEU A 53 -5.30 -27.52 -16.98
C LEU A 53 -4.24 -27.14 -15.95
N VAL A 54 -3.16 -26.52 -16.41
CA VAL A 54 -2.09 -26.11 -15.51
C VAL A 54 -1.43 -24.83 -16.01
N GLY A 1 21.85 33.85 4.94
CA GLY A 1 22.69 32.77 4.34
C GLY A 1 23.18 31.84 5.43
N SER A 2 22.34 31.61 6.43
CA SER A 2 22.69 30.73 7.54
C SER A 2 21.62 29.67 7.73
N TRP A 3 22.04 28.49 8.20
CA TRP A 3 21.11 27.39 8.42
C TRP A 3 20.38 27.04 7.13
N ASN A 4 21.12 27.02 6.03
CA ASN A 4 20.53 26.70 4.73
C ASN A 4 19.94 25.30 4.73
N GLN A 5 20.66 24.35 5.31
CA GLN A 5 20.18 22.96 5.38
C GLN A 5 18.89 22.89 6.17
N LYS A 6 18.85 23.63 7.27
CA LYS A 6 17.66 23.61 8.13
C LYS A 6 16.44 24.09 7.35
N LEU A 7 16.58 25.17 6.61
CA LEU A 7 15.47 25.72 5.83
C LEU A 7 15.04 24.72 4.75
N ILE A 8 16.02 24.14 4.07
CA ILE A 8 15.74 23.17 3.02
C ILE A 8 15.00 21.96 3.58
N ALA A 9 15.45 21.49 4.73
CA ALA A 9 14.83 20.34 5.36
C ALA A 9 13.37 20.66 5.70
N ASN A 10 13.16 21.87 6.17
CA ASN A 10 11.81 22.27 6.54
C ASN A 10 10.85 22.21 5.33
N GLN A 11 11.33 22.70 4.20
CA GLN A 11 10.52 22.65 2.98
C GLN A 11 10.30 21.20 2.53
N PHE A 12 11.39 20.45 2.58
CA PHE A 12 11.45 19.03 2.21
C PHE A 12 10.66 18.13 3.15
N ASN A 13 10.58 18.51 4.42
CA ASN A 13 9.88 17.69 5.40
C ASN A 13 8.40 17.56 5.06
N SER A 14 7.78 18.64 4.60
CA SER A 14 6.36 18.59 4.27
C SER A 14 6.09 17.61 3.14
N ALA A 15 6.94 17.63 2.11
CA ALA A 15 6.75 16.72 0.98
C ALA A 15 6.90 15.27 1.45
N ILE A 16 7.93 15.02 2.25
CA ILE A 16 8.18 13.67 2.75
C ILE A 16 7.00 13.17 3.57
N GLY A 17 6.53 14.02 4.48
CA GLY A 17 5.41 13.64 5.34
C GLY A 17 4.15 13.31 4.53
N LYS A 18 3.84 14.14 3.55
CA LYS A 18 2.66 13.90 2.72
C LYS A 18 2.84 12.61 1.91
N ILE A 19 4.03 12.45 1.34
CA ILE A 19 4.33 11.27 0.53
C ILE A 19 4.19 10.00 1.36
N GLN A 20 4.77 9.99 2.55
CA GLN A 20 4.69 8.82 3.42
C GLN A 20 3.23 8.54 3.80
N ASP A 21 2.52 9.59 4.14
CA ASP A 21 1.11 9.42 4.52
C ASP A 21 0.32 8.83 3.35
N SER A 22 0.55 9.37 2.16
CA SER A 22 -0.16 8.89 0.98
C SER A 22 0.16 7.41 0.73
N LEU A 23 1.43 7.09 0.77
CA LEU A 23 1.90 5.72 0.57
C LEU A 23 1.40 4.82 1.70
N SER A 24 1.39 5.38 2.90
CA SER A 24 0.98 4.66 4.10
C SER A 24 -0.46 4.17 4.00
N SER A 25 -1.36 5.02 3.54
CA SER A 25 -2.75 4.61 3.42
C SER A 25 -2.87 3.48 2.40
N THR A 26 -2.22 3.66 1.26
CA THR A 26 -2.26 2.70 0.18
C THR A 26 -1.76 1.33 0.61
N ALA A 27 -0.68 1.28 1.40
CA ALA A 27 -0.15 -0.02 1.80
C ALA A 27 -1.22 -0.81 2.55
N SER A 28 -1.94 -0.16 3.46
CA SER A 28 -3.00 -0.84 4.21
C SER A 28 -4.06 -1.34 3.23
N ALA A 29 -4.41 -0.48 2.28
CA ALA A 29 -5.43 -0.83 1.29
C ALA A 29 -5.01 -2.07 0.51
N LEU A 30 -3.74 -2.12 0.10
CA LEU A 30 -3.23 -3.27 -0.64
C LEU A 30 -3.25 -4.53 0.23
N GLY A 31 -2.94 -4.35 1.51
CA GLY A 31 -2.94 -5.47 2.44
C GLY A 31 -4.33 -6.09 2.54
N LYS A 32 -5.34 -5.23 2.59
CA LYS A 32 -6.71 -5.71 2.67
C LYS A 32 -7.04 -6.51 1.41
N LEU A 33 -6.60 -5.99 0.27
CA LEU A 33 -6.81 -6.63 -1.01
C LEU A 33 -6.18 -8.02 -1.05
N GLN A 34 -4.99 -8.14 -0.46
CA GLN A 34 -4.30 -9.41 -0.44
C GLN A 34 -5.14 -10.46 0.29
N ASP A 35 -5.74 -10.07 1.39
CA ASP A 35 -6.56 -11.00 2.17
C ASP A 35 -7.71 -11.52 1.31
N VAL A 36 -8.32 -10.63 0.53
CA VAL A 36 -9.45 -10.99 -0.33
C VAL A 36 -9.11 -12.10 -1.32
N VAL A 37 -7.88 -12.15 -1.81
CA VAL A 37 -7.43 -13.21 -2.72
C VAL A 37 -7.33 -14.54 -1.96
N ASN A 38 -6.88 -14.41 -0.72
CA ASN A 38 -6.71 -15.60 0.11
C ASN A 38 -8.04 -16.34 0.28
N GLN A 39 -9.09 -15.60 0.57
CA GLN A 39 -10.40 -16.23 0.75
C GLN A 39 -10.82 -16.96 -0.54
N ASN A 40 -10.74 -16.29 -1.69
CA ASN A 40 -11.15 -16.95 -2.93
C ASN A 40 -10.30 -18.17 -3.26
N ALA A 41 -8.98 -18.01 -3.16
CA ALA A 41 -8.06 -19.11 -3.45
C ALA A 41 -8.23 -20.25 -2.45
N GLN A 42 -8.39 -19.87 -1.19
CA GLN A 42 -8.57 -20.84 -0.11
C GLN A 42 -9.85 -21.64 -0.30
N ALA A 43 -10.91 -20.95 -0.72
CA ALA A 43 -12.19 -21.62 -0.91
C ALA A 43 -12.09 -22.71 -1.96
N LEU A 44 -11.40 -22.42 -3.07
CA LEU A 44 -11.24 -23.41 -4.14
C LEU A 44 -10.42 -24.60 -3.65
N ASN A 45 -9.36 -24.31 -2.91
CA ASN A 45 -8.50 -25.37 -2.38
C ASN A 45 -9.29 -26.27 -1.45
N THR A 46 -10.09 -25.65 -0.60
CA THR A 46 -10.92 -26.39 0.34
C THR A 46 -11.88 -27.31 -0.42
N LEU A 47 -12.45 -26.78 -1.50
CA LEU A 47 -13.36 -27.56 -2.32
C LEU A 47 -12.62 -28.75 -2.95
N VAL A 48 -11.41 -28.48 -3.45
CA VAL A 48 -10.60 -29.51 -4.07
C VAL A 48 -10.26 -30.63 -3.10
N LYS A 49 -9.94 -30.27 -1.86
CA LYS A 49 -9.60 -31.26 -0.85
C LYS A 49 -10.78 -32.18 -0.58
N GLN A 50 -11.97 -31.61 -0.53
CA GLN A 50 -13.18 -32.39 -0.29
C GLN A 50 -13.39 -33.38 -1.43
N SER A 51 -13.17 -32.91 -2.66
CA SER A 51 -13.32 -33.75 -3.83
C SER A 51 -12.55 -33.17 -5.00
N GLY A 52 -11.38 -33.72 -5.26
CA GLY A 52 -10.54 -33.24 -6.37
C GLY A 52 -9.28 -34.08 -6.52
N LEU A 53 -8.48 -33.75 -7.53
CA LEU A 53 -7.25 -34.49 -7.78
C LEU A 53 -6.04 -33.58 -7.57
N VAL A 54 -4.97 -34.15 -7.01
CA VAL A 54 -3.76 -33.38 -6.77
C VAL A 54 -3.34 -32.62 -8.02
N GLY A 1 14.29 35.37 9.05
CA GLY A 1 12.94 36.01 9.08
C GLY A 1 12.02 35.28 8.12
N SER A 2 12.23 33.97 7.98
CA SER A 2 11.41 33.17 7.09
C SER A 2 11.39 33.76 5.68
N TRP A 3 12.53 34.26 5.24
CA TRP A 3 12.64 34.86 3.91
C TRP A 3 12.32 33.84 2.83
N ASN A 4 12.90 32.64 2.95
CA ASN A 4 12.66 31.56 2.00
C ASN A 4 13.53 30.35 2.31
N GLN A 5 14.78 30.60 2.68
CA GLN A 5 15.71 29.53 3.00
C GLN A 5 15.19 28.71 4.18
N LYS A 6 14.63 29.40 5.16
CA LYS A 6 14.07 28.72 6.33
C LYS A 6 12.92 27.82 5.89
N LEU A 7 12.10 28.37 4.99
CA LEU A 7 10.95 27.64 4.46
C LEU A 7 11.38 26.39 3.72
N ILE A 8 12.46 26.49 2.96
CA ILE A 8 12.93 25.34 2.19
C ILE A 8 13.19 24.14 3.07
N ALA A 9 13.80 24.36 4.22
CA ALA A 9 14.08 23.25 5.12
C ALA A 9 12.77 22.57 5.53
N ASN A 10 11.75 23.37 5.79
CA ASN A 10 10.42 22.86 6.12
C ASN A 10 9.81 22.15 4.90
N GLN A 11 10.12 22.70 3.74
CA GLN A 11 9.55 22.14 2.51
C GLN A 11 9.98 20.69 2.31
N PHE A 12 11.25 20.37 2.57
CA PHE A 12 11.68 19.00 2.40
C PHE A 12 10.89 18.07 3.31
N ASN A 13 10.75 18.47 4.56
CA ASN A 13 10.01 17.68 5.55
C ASN A 13 8.54 17.52 5.17
N SER A 14 7.92 18.61 4.71
CA SER A 14 6.50 18.57 4.37
C SER A 14 6.24 17.59 3.23
N ALA A 15 7.09 17.60 2.20
CA ALA A 15 6.91 16.70 1.08
C ALA A 15 7.04 15.25 1.54
N ILE A 16 8.07 14.99 2.36
CA ILE A 16 8.30 13.64 2.85
C ILE A 16 7.11 13.15 3.67
N GLY A 17 6.64 14.00 4.58
CA GLY A 17 5.52 13.63 5.44
C GLY A 17 4.26 13.31 4.61
N LYS A 18 3.96 14.14 3.63
CA LYS A 18 2.78 13.89 2.79
C LYS A 18 2.95 12.62 1.96
N ILE A 19 4.16 12.45 1.43
CA ILE A 19 4.46 11.28 0.62
C ILE A 19 4.30 10.00 1.43
N GLN A 20 4.87 9.99 2.63
CA GLN A 20 4.77 8.81 3.49
C GLN A 20 3.31 8.54 3.86
N ASP A 21 2.60 9.60 4.20
CA ASP A 21 1.20 9.43 4.57
C ASP A 21 0.39 8.85 3.39
N SER A 22 0.66 9.38 2.21
CA SER A 22 -0.06 8.92 1.01
C SER A 22 0.25 7.43 0.76
N LEU A 23 1.53 7.10 0.82
CA LEU A 23 2.00 5.73 0.62
C LEU A 23 1.48 4.83 1.74
N SER A 24 1.47 5.39 2.94
CA SER A 24 1.05 4.68 4.14
C SER A 24 -0.40 4.19 4.02
N SER A 25 -1.30 5.05 3.56
CA SER A 25 -2.69 4.65 3.44
C SER A 25 -2.81 3.53 2.41
N THR A 26 -2.15 3.70 1.27
CA THR A 26 -2.22 2.72 0.19
C THR A 26 -1.71 1.35 0.63
N ALA A 27 -0.64 1.32 1.43
CA ALA A 27 -0.12 0.02 1.85
C ALA A 27 -1.20 -0.78 2.57
N SER A 28 -1.92 -0.13 3.48
CA SER A 28 -2.97 -0.83 4.21
C SER A 28 -4.05 -1.30 3.22
N ALA A 29 -4.36 -0.43 2.27
CA ALA A 29 -5.38 -0.77 1.28
C ALA A 29 -4.97 -2.02 0.51
N LEU A 30 -3.70 -2.07 0.11
CA LEU A 30 -3.17 -3.21 -0.63
C LEU A 30 -3.22 -4.47 0.24
N GLY A 31 -2.92 -4.30 1.52
CA GLY A 31 -2.94 -5.43 2.44
C GLY A 31 -4.33 -6.04 2.54
N LYS A 32 -5.34 -5.18 2.58
CA LYS A 32 -6.71 -5.65 2.65
C LYS A 32 -7.04 -6.44 1.39
N LEU A 33 -6.58 -5.92 0.25
CA LEU A 33 -6.81 -6.57 -1.04
C LEU A 33 -6.16 -7.95 -1.08
N GLN A 34 -4.99 -8.08 -0.46
CA GLN A 34 -4.30 -9.36 -0.44
C GLN A 34 -5.15 -10.40 0.28
N ASP A 35 -5.77 -10.00 1.39
CA ASP A 35 -6.58 -10.93 2.15
C ASP A 35 -7.72 -11.45 1.28
N VAL A 36 -8.32 -10.56 0.50
CA VAL A 36 -9.44 -10.89 -0.36
C VAL A 36 -9.11 -11.99 -1.37
N VAL A 37 -7.86 -12.08 -1.83
CA VAL A 37 -7.46 -13.14 -2.76
C VAL A 37 -7.34 -14.46 -2.00
N ASN A 38 -6.95 -14.34 -0.73
CA ASN A 38 -6.78 -15.53 0.09
C ASN A 38 -8.10 -16.29 0.25
N GLN A 39 -9.16 -15.60 0.63
CA GLN A 39 -10.45 -16.28 0.77
C GLN A 39 -10.88 -16.78 -0.60
N ASN A 40 -10.71 -15.86 -1.53
CA ASN A 40 -11.04 -16.03 -2.94
C ASN A 40 -10.20 -17.10 -3.65
N ALA A 41 -9.13 -17.56 -3.02
CA ALA A 41 -8.23 -18.51 -3.68
C ALA A 41 -8.97 -19.69 -4.28
N GLN A 42 -9.93 -20.27 -3.58
CA GLN A 42 -10.69 -21.40 -4.14
C GLN A 42 -11.45 -20.91 -5.38
N ALA A 43 -11.99 -19.70 -5.24
CA ALA A 43 -12.75 -19.07 -6.33
C ALA A 43 -11.86 -18.82 -7.55
N LEU A 44 -10.64 -18.39 -7.29
CA LEU A 44 -9.70 -18.09 -8.36
C LEU A 44 -9.39 -19.32 -9.20
N ASN A 45 -9.23 -20.47 -8.54
CA ASN A 45 -8.91 -21.69 -9.26
C ASN A 45 -10.02 -22.06 -10.24
N THR A 46 -11.28 -21.98 -9.78
CA THR A 46 -12.41 -22.32 -10.62
C THR A 46 -12.49 -21.37 -11.82
N LEU A 47 -12.20 -20.10 -11.59
CA LEU A 47 -12.22 -19.11 -12.66
C LEU A 47 -11.14 -19.42 -13.70
N VAL A 48 -9.96 -19.79 -13.22
CA VAL A 48 -8.85 -20.13 -14.11
C VAL A 48 -9.20 -21.36 -14.94
N LYS A 49 -9.75 -22.36 -14.27
CA LYS A 49 -10.14 -23.59 -14.95
C LYS A 49 -11.20 -23.32 -16.00
N GLN A 50 -12.15 -22.45 -15.67
CA GLN A 50 -13.23 -22.12 -16.61
C GLN A 50 -12.65 -21.50 -17.88
N SER A 51 -11.70 -20.58 -17.71
CA SER A 51 -11.06 -19.94 -18.84
C SER A 51 -10.24 -20.96 -19.64
N GLY A 52 -9.79 -22.00 -18.95
CA GLY A 52 -8.99 -23.05 -19.59
C GLY A 52 -9.74 -24.38 -19.55
N LEU A 53 -8.99 -25.46 -19.33
CA LEU A 53 -9.57 -26.79 -19.27
C LEU A 53 -9.57 -27.31 -17.83
N VAL A 54 -10.66 -27.97 -17.45
CA VAL A 54 -10.77 -28.51 -16.09
C VAL A 54 -9.75 -29.62 -15.87
N GLY A 1 8.27 31.08 8.85
CA GLY A 1 9.07 30.74 7.64
C GLY A 1 9.09 31.92 6.70
N SER A 2 9.38 33.11 7.23
CA SER A 2 9.43 34.31 6.41
C SER A 2 10.52 34.20 5.34
N TRP A 3 11.65 33.63 5.73
CA TRP A 3 12.77 33.48 4.80
C TRP A 3 12.53 32.30 3.87
N ASN A 4 12.86 32.47 2.59
CA ASN A 4 12.68 31.42 1.60
C ASN A 4 13.51 30.19 1.98
N GLN A 5 14.74 30.43 2.44
CA GLN A 5 15.63 29.36 2.83
C GLN A 5 15.04 28.58 4.00
N LYS A 6 14.43 29.29 4.93
CA LYS A 6 13.79 28.65 6.08
C LYS A 6 12.66 27.75 5.57
N LEU A 7 11.90 28.29 4.62
CA LEU A 7 10.78 27.57 4.03
C LEU A 7 11.26 26.30 3.33
N ILE A 8 12.41 26.39 2.68
CA ILE A 8 12.93 25.23 1.95
C ILE A 8 13.19 24.05 2.88
N ALA A 9 13.80 24.31 4.04
CA ALA A 9 14.09 23.22 4.97
C ALA A 9 12.80 22.53 5.41
N ASN A 10 11.79 23.32 5.73
CA ASN A 10 10.48 22.79 6.09
C ASN A 10 9.83 22.13 4.88
N GLN A 11 10.11 22.71 3.74
CA GLN A 11 9.53 22.22 2.49
C GLN A 11 9.93 20.78 2.23
N PHE A 12 11.20 20.45 2.44
CA PHE A 12 11.65 19.09 2.21
C PHE A 12 10.90 18.13 3.13
N ASN A 13 10.80 18.52 4.40
CA ASN A 13 10.10 17.70 5.39
C ASN A 13 8.62 17.52 5.06
N SER A 14 7.97 18.61 4.63
CA SER A 14 6.55 18.56 4.32
C SER A 14 6.26 17.57 3.19
N ALA A 15 7.09 17.58 2.15
CA ALA A 15 6.89 16.67 1.03
C ALA A 15 7.01 15.23 1.50
N ILE A 16 8.02 14.96 2.32
CA ILE A 16 8.23 13.60 2.82
C ILE A 16 7.03 13.15 3.64
N GLY A 17 6.56 14.00 4.53
CA GLY A 17 5.43 13.65 5.39
C GLY A 17 4.18 13.32 4.57
N LYS A 18 3.89 14.14 3.57
CA LYS A 18 2.72 13.88 2.73
C LYS A 18 2.89 12.59 1.93
N ILE A 19 4.10 12.41 1.40
CA ILE A 19 4.38 11.22 0.61
C ILE A 19 4.22 9.95 1.45
N GLN A 20 4.78 9.95 2.66
CA GLN A 20 4.67 8.79 3.53
C GLN A 20 3.20 8.54 3.89
N ASP A 21 2.49 9.60 4.21
CA ASP A 21 1.07 9.47 4.56
C ASP A 21 0.29 8.86 3.40
N SER A 22 0.55 9.39 2.20
CA SER A 22 -0.14 8.90 1.00
C SER A 22 0.16 7.42 0.78
N LEU A 23 1.43 7.09 0.84
CA LEU A 23 1.90 5.71 0.66
C LEU A 23 1.37 4.82 1.78
N SER A 24 1.34 5.38 2.98
CA SER A 24 0.91 4.66 4.16
C SER A 24 -0.53 4.18 4.02
N SER A 25 -1.43 5.03 3.55
CA SER A 25 -2.81 4.61 3.38
C SER A 25 -2.90 3.48 2.36
N THR A 26 -2.21 3.67 1.23
CA THR A 26 -2.23 2.69 0.16
C THR A 26 -1.73 1.32 0.61
N ALA A 27 -0.66 1.28 1.40
CA ALA A 27 -0.14 -0.02 1.82
C ALA A 27 -1.22 -0.80 2.56
N SER A 28 -1.93 -0.14 3.46
CA SER A 28 -3.00 -0.81 4.21
C SER A 28 -4.06 -1.30 3.23
N ALA A 29 -4.39 -0.45 2.27
CA ALA A 29 -5.40 -0.81 1.29
C ALA A 29 -4.98 -2.05 0.52
N LEU A 30 -3.71 -2.11 0.13
CA LEU A 30 -3.17 -3.26 -0.60
C LEU A 30 -3.21 -4.51 0.27
N GLY A 31 -2.90 -4.33 1.55
CA GLY A 31 -2.90 -5.46 2.48
C GLY A 31 -4.30 -6.06 2.59
N LYS A 32 -5.30 -5.19 2.64
CA LYS A 32 -6.68 -5.65 2.70
C LYS A 32 -7.01 -6.46 1.45
N LEU A 33 -6.55 -5.95 0.31
CA LEU A 33 -6.79 -6.60 -0.98
C LEU A 33 -6.15 -7.98 -1.02
N GLN A 34 -4.97 -8.12 -0.42
CA GLN A 34 -4.30 -9.41 -0.40
C GLN A 34 -5.17 -10.45 0.31
N ASP A 35 -5.78 -10.03 1.42
CA ASP A 35 -6.63 -10.95 2.17
C ASP A 35 -7.77 -11.46 1.28
N VAL A 36 -8.35 -10.56 0.50
CA VAL A 36 -9.47 -10.89 -0.38
C VAL A 36 -9.12 -11.99 -1.39
N VAL A 37 -7.88 -12.03 -1.87
CA VAL A 37 -7.43 -13.06 -2.80
C VAL A 37 -7.31 -14.40 -2.07
N ASN A 38 -6.85 -14.30 -0.83
CA ASN A 38 -6.67 -15.51 -0.02
C ASN A 38 -7.99 -16.26 0.16
N GLN A 39 -9.03 -15.56 0.55
CA GLN A 39 -10.34 -16.23 0.72
C GLN A 39 -10.78 -16.74 -0.65
N ASN A 40 -10.59 -15.85 -1.58
CA ASN A 40 -10.93 -16.03 -3.00
C ASN A 40 -10.10 -17.09 -3.69
N ALA A 41 -9.03 -17.55 -3.06
CA ALA A 41 -8.12 -18.50 -3.71
C ALA A 41 -8.86 -19.69 -4.31
N GLN A 42 -9.82 -20.27 -3.61
CA GLN A 42 -10.56 -21.40 -4.17
C GLN A 42 -11.30 -20.92 -5.43
N ALA A 43 -11.84 -19.72 -5.34
CA ALA A 43 -12.55 -19.11 -6.45
C ALA A 43 -11.61 -18.86 -7.63
N LEU A 44 -10.39 -18.45 -7.31
CA LEU A 44 -9.38 -18.16 -8.33
C LEU A 44 -9.07 -19.38 -9.17
N ASN A 45 -8.91 -20.53 -8.54
CA ASN A 45 -8.58 -21.75 -9.28
C ASN A 45 -9.71 -22.09 -10.26
N THR A 46 -10.95 -21.98 -9.77
CA THR A 46 -12.10 -22.28 -10.61
C THR A 46 -12.16 -21.33 -11.79
N LEU A 47 -11.86 -20.05 -11.53
CA LEU A 47 -11.87 -19.04 -12.59
C LEU A 47 -10.84 -19.37 -13.66
N VAL A 48 -9.67 -19.79 -13.22
CA VAL A 48 -8.59 -20.15 -14.15
C VAL A 48 -9.01 -21.35 -15.00
N LYS A 49 -9.62 -22.34 -14.36
CA LYS A 49 -10.07 -23.54 -15.06
C LYS A 49 -11.11 -23.18 -16.13
N GLN A 50 -12.03 -22.28 -15.79
CA GLN A 50 -13.05 -21.86 -16.74
C GLN A 50 -12.41 -21.21 -17.95
N SER A 51 -11.39 -20.40 -17.72
CA SER A 51 -10.70 -19.72 -18.80
C SER A 51 -10.10 -20.74 -19.78
N GLY A 52 -9.50 -21.80 -19.24
CA GLY A 52 -8.91 -22.83 -20.07
C GLY A 52 -7.59 -23.32 -19.49
N LEU A 53 -7.63 -23.80 -18.25
CA LEU A 53 -6.43 -24.30 -17.58
C LEU A 53 -5.87 -25.50 -18.34
N VAL A 54 -6.76 -26.40 -18.74
CA VAL A 54 -6.33 -27.59 -19.48
C VAL A 54 -6.63 -27.43 -20.96
N GLY A 1 21.68 31.36 13.57
CA GLY A 1 21.47 30.02 12.95
C GLY A 1 21.13 30.20 11.47
N SER A 2 19.88 29.93 11.11
CA SER A 2 19.45 30.07 9.73
C SER A 2 20.33 29.24 8.80
N TRP A 3 20.59 27.99 9.18
CA TRP A 3 21.42 27.13 8.35
C TRP A 3 20.68 26.75 7.07
N ASN A 4 21.41 26.68 5.97
CA ASN A 4 20.82 26.34 4.68
C ASN A 4 20.19 24.94 4.72
N GLN A 5 20.88 24.00 5.35
CA GLN A 5 20.38 22.64 5.44
C GLN A 5 19.08 22.61 6.23
N LYS A 6 19.04 23.38 7.32
CA LYS A 6 17.85 23.40 8.15
C LYS A 6 16.65 23.94 7.37
N LEU A 7 16.87 24.98 6.57
CA LEU A 7 15.78 25.55 5.78
C LEU A 7 15.30 24.55 4.75
N ILE A 8 16.24 23.90 4.06
CA ILE A 8 15.91 22.92 3.04
C ILE A 8 15.14 21.75 3.64
N ALA A 9 15.58 21.30 4.81
CA ALA A 9 14.92 20.19 5.48
C ALA A 9 13.47 20.56 5.81
N ASN A 10 13.29 21.78 6.23
CA ASN A 10 11.95 22.24 6.59
C ASN A 10 10.99 22.18 5.38
N GLN A 11 11.46 22.69 4.25
CA GLN A 11 10.63 22.65 3.03
C GLN A 11 10.41 21.21 2.56
N PHE A 12 11.49 20.47 2.56
CA PHE A 12 11.54 19.05 2.15
C PHE A 12 10.77 18.14 3.10
N ASN A 13 10.73 18.52 4.36
CA ASN A 13 10.06 17.70 5.37
C ASN A 13 8.57 17.54 5.06
N SER A 14 7.93 18.61 4.62
CA SER A 14 6.51 18.56 4.31
C SER A 14 6.23 17.57 3.19
N ALA A 15 7.05 17.59 2.14
CA ALA A 15 6.86 16.67 1.02
C ALA A 15 6.97 15.23 1.50
N ILE A 16 7.98 14.97 2.32
CA ILE A 16 8.21 13.62 2.83
C ILE A 16 7.01 13.14 3.64
N GLY A 17 6.53 14.01 4.54
CA GLY A 17 5.40 13.65 5.38
C GLY A 17 4.15 13.31 4.56
N LYS A 18 3.85 14.13 3.55
CA LYS A 18 2.69 13.87 2.71
C LYS A 18 2.87 12.58 1.91
N ILE A 19 4.08 12.39 1.40
CA ILE A 19 4.37 11.20 0.61
C ILE A 19 4.19 9.94 1.45
N GLN A 20 4.75 9.95 2.66
CA GLN A 20 4.64 8.79 3.53
C GLN A 20 3.18 8.53 3.90
N ASP A 21 2.47 9.60 4.21
CA ASP A 21 1.06 9.46 4.56
C ASP A 21 0.27 8.85 3.38
N SER A 22 0.53 9.37 2.20
CA SER A 22 -0.16 8.88 1.00
C SER A 22 0.14 7.40 0.78
N LEU A 23 1.42 7.07 0.84
CA LEU A 23 1.89 5.70 0.67
C LEU A 23 1.36 4.80 1.78
N SER A 24 1.32 5.38 2.98
CA SER A 24 0.89 4.66 4.17
C SER A 24 -0.55 4.17 4.03
N SER A 25 -1.45 5.01 3.54
CA SER A 25 -2.84 4.58 3.38
C SER A 25 -2.91 3.47 2.36
N THR A 26 -2.21 3.65 1.24
CA THR A 26 -2.23 2.67 0.16
C THR A 26 -1.74 1.31 0.62
N ALA A 27 -0.67 1.27 1.41
CA ALA A 27 -0.15 -0.03 1.84
C ALA A 27 -1.23 -0.82 2.58
N SER A 28 -1.95 -0.16 3.49
CA SER A 28 -3.00 -0.84 4.22
C SER A 28 -4.08 -1.33 3.24
N ALA A 29 -4.38 -0.47 2.28
CA ALA A 29 -5.41 -0.83 1.28
C ALA A 29 -4.98 -2.08 0.52
N LEU A 30 -3.71 -2.14 0.14
CA LEU A 30 -3.17 -3.28 -0.58
C LEU A 30 -3.21 -4.53 0.29
N GLY A 31 -2.90 -4.35 1.57
CA GLY A 31 -2.91 -5.48 2.51
C GLY A 31 -4.30 -6.07 2.60
N LYS A 32 -5.30 -5.22 2.65
CA LYS A 32 -6.68 -5.69 2.72
C LYS A 32 -7.01 -6.48 1.47
N LEU A 33 -6.54 -5.98 0.33
CA LEU A 33 -6.76 -6.62 -0.97
C LEU A 33 -6.14 -8.01 -0.99
N GLN A 34 -4.96 -8.15 -0.38
CA GLN A 34 -4.28 -9.44 -0.36
C GLN A 34 -5.15 -10.47 0.36
N ASP A 35 -5.78 -10.05 1.45
CA ASP A 35 -6.62 -10.97 2.21
C ASP A 35 -7.75 -11.48 1.31
N VAL A 36 -8.33 -10.59 0.53
CA VAL A 36 -9.44 -10.91 -0.36
C VAL A 36 -9.11 -12.02 -1.37
N VAL A 37 -7.87 -12.09 -1.86
CA VAL A 37 -7.49 -13.14 -2.81
C VAL A 37 -7.31 -14.45 -2.05
N ASN A 38 -6.85 -14.33 -0.82
CA ASN A 38 -6.64 -15.52 -0.01
C ASN A 38 -7.96 -16.27 0.19
N GLN A 39 -9.00 -15.51 0.47
CA GLN A 39 -10.32 -16.13 0.66
C GLN A 39 -10.75 -16.87 -0.62
N ASN A 40 -10.65 -16.23 -1.77
CA ASN A 40 -11.09 -16.90 -3.00
C ASN A 40 -10.23 -18.13 -3.31
N ALA A 41 -8.92 -17.99 -3.20
CA ALA A 41 -8.01 -19.09 -3.46
C ALA A 41 -8.22 -20.22 -2.45
N GLN A 42 -8.39 -19.83 -1.20
CA GLN A 42 -8.60 -20.77 -0.11
C GLN A 42 -9.90 -21.56 -0.31
N ALA A 43 -10.94 -20.87 -0.76
CA ALA A 43 -12.23 -21.52 -0.96
C ALA A 43 -12.11 -22.62 -2.01
N LEU A 44 -11.42 -22.34 -3.11
CA LEU A 44 -11.25 -23.33 -4.16
C LEU A 44 -10.44 -24.53 -3.65
N ASN A 45 -9.41 -24.25 -2.87
CA ASN A 45 -8.58 -25.32 -2.33
C ASN A 45 -9.41 -26.23 -1.43
N THR A 46 -10.24 -25.62 -0.60
CA THR A 46 -11.09 -26.38 0.30
C THR A 46 -12.04 -27.26 -0.51
N LEU A 47 -12.58 -26.70 -1.58
CA LEU A 47 -13.49 -27.45 -2.44
C LEU A 47 -12.75 -28.64 -3.08
N VAL A 48 -11.54 -28.39 -3.54
CA VAL A 48 -10.74 -29.42 -4.18
C VAL A 48 -10.44 -30.55 -3.21
N LYS A 49 -10.13 -30.22 -1.96
CA LYS A 49 -9.83 -31.24 -0.96
C LYS A 49 -11.03 -32.15 -0.75
N GLN A 50 -12.22 -31.56 -0.72
CA GLN A 50 -13.43 -32.32 -0.52
C GLN A 50 -13.64 -33.32 -1.67
N SER A 51 -13.39 -32.85 -2.89
CA SER A 51 -13.53 -33.69 -4.06
C SER A 51 -12.70 -33.15 -5.23
N GLY A 52 -11.49 -33.67 -5.37
CA GLY A 52 -10.61 -33.22 -6.45
C GLY A 52 -10.40 -34.34 -7.47
N LEU A 53 -10.45 -33.98 -8.75
CA LEU A 53 -10.26 -34.96 -9.82
C LEU A 53 -8.85 -35.54 -9.76
N VAL A 54 -7.87 -34.68 -9.47
CA VAL A 54 -6.48 -35.12 -9.40
C VAL A 54 -6.06 -35.80 -10.69
#